data_7M3H
#
_entry.id   7M3H
#
_cell.length_a   72.503
_cell.length_b   81.126
_cell.length_c   152.974
_cell.angle_alpha   90.000
_cell.angle_beta   90.000
_cell.angle_gamma   90.000
#
_symmetry.space_group_name_H-M   'P 21 21 21'
#
loop_
_entity.id
_entity.type
_entity.pdbx_description
1 polymer 'Hydroxymethylglutaryl-CoA reductase, degradative'
2 non-polymer '5-[(4-butylphenyl)sulfamoyl]-2-hydroxybenzoic acid'
3 non-polymer 'SULFATE ION'
4 non-polymer 'CALCIUM ION'
5 water water
#
_entity_poly.entity_id   1
_entity_poly.type   'polypeptide(L)'
_entity_poly.pdbx_seq_one_letter_code
;MLLERPQQKKNSRFYQMSPEERLASLLNEGQISADTKKEFENTALSSQIANHMIENQISETEVPMGVGLHLTVDETDYLV
PMATEEPSVIAALSNGAKIAQGFKTVNQQRLMRGQIVFYDVADPESLIDKLQVREAEIFQQAELSYPSIVKRGGGLRDLQ
YRAFDESFVSVDFLVDVKDAMGANIVNAMLEGVAELFREWFAEQKILFSILSNYATESVVTMKTAIPVSRLSKGSNGREI
AEKIVLASRYASLDPYRAVTHNKGIMNGIEAVVLATGNDTRAVSASCHAFAVKEGRYQGLTSWTLDGEQLIGEISVPLAL
ATVGGATKVLPKSQAAADLLAVTDAKELSRVVAAVGLAQNLAALRALVSEGIQKGHMALQARSLAMTVGATGKEVEAVAQ
QLKRQKTMNQDRALAILNDLRKQ
;
_entity_poly.pdbx_strand_id   A,B
#
# COMPACT_ATOMS: atom_id res chain seq x y z
N ARG A 13 17.01 -27.50 5.27
CA ARG A 13 15.72 -26.82 5.03
C ARG A 13 15.95 -25.41 4.52
N PHE A 14 15.07 -24.93 3.66
CA PHE A 14 15.26 -23.63 3.00
C PHE A 14 15.38 -22.50 4.00
N TYR A 15 14.56 -22.50 5.05
N TYR A 15 14.59 -22.52 5.08
CA TYR A 15 14.57 -21.46 6.09
CA TYR A 15 14.63 -21.42 6.02
C TYR A 15 15.95 -21.33 6.73
C TYR A 15 15.98 -21.31 6.71
N GLN A 16 16.70 -22.42 6.84
CA GLN A 16 17.98 -22.42 7.53
C GLN A 16 19.17 -22.24 6.60
N MET A 17 18.96 -22.25 5.30
CA MET A 17 20.02 -22.09 4.32
C MET A 17 20.46 -20.63 4.26
N SER A 18 21.70 -20.42 3.84
CA SER A 18 22.15 -19.09 3.52
C SER A 18 21.45 -18.63 2.24
N PRO A 19 21.43 -17.31 2.00
CA PRO A 19 20.87 -16.83 0.71
C PRO A 19 21.51 -17.49 -0.50
N GLU A 20 22.82 -17.67 -0.45
CA GLU A 20 23.54 -18.31 -1.55
C GLU A 20 23.07 -19.74 -1.74
N GLU A 21 22.92 -20.48 -0.63
CA GLU A 21 22.45 -21.85 -0.73
C GLU A 21 21.03 -21.90 -1.27
N ARG A 22 20.18 -20.95 -0.85
CA ARG A 22 18.80 -20.90 -1.33
C ARG A 22 18.75 -20.72 -2.84
N LEU A 23 19.53 -19.76 -3.35
CA LEU A 23 19.54 -19.54 -4.81
C LEU A 23 20.11 -20.74 -5.56
N ALA A 24 21.15 -21.37 -5.01
CA ALA A 24 21.71 -22.56 -5.66
C ALA A 24 20.68 -23.69 -5.71
N SER A 25 19.90 -23.84 -4.63
CA SER A 25 18.88 -24.88 -4.57
C SER A 25 17.77 -24.61 -5.58
N LEU A 26 17.31 -23.36 -5.67
CA LEU A 26 16.26 -23.04 -6.62
C LEU A 26 16.71 -23.34 -8.05
N LEU A 27 17.96 -22.99 -8.38
CA LEU A 27 18.48 -23.31 -9.70
C LEU A 27 18.59 -24.82 -9.91
N ASN A 28 19.13 -25.53 -8.92
CA ASN A 28 19.30 -26.98 -9.08
C ASN A 28 17.96 -27.68 -9.28
N GLU A 29 16.92 -27.23 -8.61
CA GLU A 29 15.60 -27.85 -8.72
C GLU A 29 14.81 -27.34 -9.92
N GLY A 30 15.39 -26.48 -10.75
CA GLY A 30 14.70 -26.03 -11.94
C GLY A 30 13.62 -25.00 -11.69
N GLN A 31 13.68 -24.30 -10.57
CA GLN A 31 12.67 -23.31 -10.22
C GLN A 31 13.01 -21.92 -10.72
N ILE A 32 14.29 -21.65 -10.97
CA ILE A 32 14.73 -20.41 -11.59
C ILE A 32 15.79 -20.74 -12.63
N SER A 33 15.92 -19.89 -13.64
CA SER A 33 16.98 -20.04 -14.62
C SER A 33 18.28 -19.45 -14.10
N ALA A 34 19.39 -19.75 -14.79
CA ALA A 34 20.66 -19.16 -14.43
C ALA A 34 20.62 -17.65 -14.56
N ASP A 35 19.91 -17.12 -15.57
CA ASP A 35 19.80 -15.67 -15.73
C ASP A 35 19.04 -15.05 -14.56
N THR A 36 18.00 -15.73 -14.10
CA THR A 36 17.26 -15.25 -12.94
C THR A 36 18.10 -15.28 -11.69
N LYS A 37 18.88 -16.35 -11.51
CA LYS A 37 19.79 -16.40 -10.36
C LYS A 37 20.75 -15.22 -10.39
N LYS A 38 21.33 -14.95 -11.57
CA LYS A 38 22.26 -13.84 -11.67
C LYS A 38 21.58 -12.51 -11.34
N GLU A 39 20.36 -12.30 -11.83
CA GLU A 39 19.67 -11.06 -11.50
C GLU A 39 19.35 -10.97 -10.01
N PHE A 40 18.94 -12.09 -9.40
CA PHE A 40 18.69 -12.07 -7.97
C PHE A 40 19.96 -11.75 -7.17
N GLU A 41 21.13 -12.09 -7.72
CA GLU A 41 22.40 -11.77 -7.08
C GLU A 41 22.81 -10.32 -7.25
N ASN A 42 22.20 -9.60 -8.17
CA ASN A 42 22.55 -8.20 -8.46
C ASN A 42 21.82 -7.33 -7.45
N THR A 43 22.44 -7.07 -6.30
CA THR A 43 21.79 -6.35 -5.22
C THR A 43 22.69 -5.27 -4.64
N ALA A 44 22.04 -4.25 -4.07
CA ALA A 44 22.74 -3.15 -3.43
C ALA A 44 22.53 -3.07 -1.93
N LEU A 45 21.46 -3.66 -1.40
CA LEU A 45 21.29 -3.73 0.04
C LEU A 45 22.12 -4.88 0.56
N SER A 46 22.92 -4.61 1.60
CA SER A 46 23.76 -5.64 2.21
C SER A 46 22.99 -6.93 2.45
N SER A 47 23.60 -8.06 2.05
CA SER A 47 23.00 -9.36 2.28
C SER A 47 22.76 -9.59 3.76
N GLN A 48 23.69 -9.16 4.61
CA GLN A 48 23.49 -9.39 6.04
C GLN A 48 22.27 -8.63 6.55
N ILE A 49 22.05 -7.40 6.08
CA ILE A 49 20.87 -6.66 6.50
C ILE A 49 19.61 -7.33 5.97
N ALA A 50 19.57 -7.63 4.67
CA ALA A 50 18.37 -8.19 4.07
C ALA A 50 17.98 -9.52 4.71
N ASN A 51 18.97 -10.39 4.94
CA ASN A 51 18.72 -11.71 5.49
C ASN A 51 18.31 -11.65 6.96
N HIS A 52 18.71 -10.60 7.66
CA HIS A 52 18.26 -10.36 9.03
C HIS A 52 16.83 -9.85 9.07
N MET A 53 16.46 -8.97 8.14
CA MET A 53 15.17 -8.31 8.24
C MET A 53 14.00 -9.25 7.98
N ILE A 54 14.13 -10.18 7.04
CA ILE A 54 13.02 -11.03 6.62
C ILE A 54 13.44 -12.49 6.65
N GLU A 55 12.52 -13.38 6.30
CA GLU A 55 12.79 -14.80 6.29
C GLU A 55 12.89 -15.32 4.87
N ASN A 56 13.56 -16.45 4.72
CA ASN A 56 13.71 -17.10 3.42
C ASN A 56 14.25 -16.14 2.36
N GLN A 57 15.17 -15.27 2.77
CA GLN A 57 15.61 -14.17 1.93
C GLN A 57 16.49 -14.66 0.78
N ILE A 58 16.24 -14.10 -0.41
CA ILE A 58 17.05 -14.40 -1.58
C ILE A 58 17.55 -13.17 -2.32
N SER A 59 16.82 -12.06 -2.31
CA SER A 59 17.19 -10.94 -3.15
C SER A 59 16.56 -9.66 -2.61
N GLU A 60 16.26 -8.73 -3.49
CA GLU A 60 15.57 -7.49 -3.17
C GLU A 60 14.78 -7.05 -4.40
N THR A 61 13.77 -6.21 -4.18
CA THR A 61 13.10 -5.42 -5.21
C THR A 61 13.70 -4.02 -5.16
N GLU A 62 14.00 -3.45 -6.32
CA GLU A 62 14.45 -2.07 -6.42
C GLU A 62 13.34 -1.19 -6.98
N VAL A 63 12.94 -0.18 -6.22
CA VAL A 63 11.90 0.76 -6.62
C VAL A 63 12.58 2.09 -6.92
N PRO A 64 12.44 2.64 -8.14
CA PRO A 64 13.09 3.92 -8.43
C PRO A 64 12.69 5.00 -7.42
N MET A 65 13.66 5.87 -7.08
CA MET A 65 13.42 6.98 -6.17
C MET A 65 13.79 8.28 -6.83
N GLY A 66 12.87 9.26 -6.74
CA GLY A 66 13.08 10.59 -7.28
C GLY A 66 12.76 11.65 -6.25
N VAL A 67 12.77 12.91 -6.66
CA VAL A 67 12.58 14.04 -5.75
C VAL A 67 11.36 14.84 -6.17
N GLY A 68 10.38 14.91 -5.28
CA GLY A 68 9.26 15.81 -5.47
C GLY A 68 9.64 17.22 -5.09
N LEU A 69 9.28 18.17 -5.94
CA LEU A 69 9.71 19.55 -5.79
C LEU A 69 8.55 20.47 -5.42
N HIS A 70 8.91 21.65 -4.90
CA HIS A 70 8.04 22.82 -4.71
C HIS A 70 7.13 22.72 -3.50
N LEU A 71 7.24 21.70 -2.66
CA LEU A 71 6.37 21.59 -1.50
C LEU A 71 6.81 22.54 -0.40
N THR A 72 5.85 23.29 0.14
CA THR A 72 6.04 24.16 1.29
C THR A 72 4.93 23.86 2.28
N VAL A 73 5.29 23.62 3.53
CA VAL A 73 4.34 23.27 4.58
C VAL A 73 4.62 24.19 5.77
N ASP A 74 3.61 24.96 6.18
CA ASP A 74 3.75 25.94 7.27
C ASP A 74 5.01 26.79 7.09
N GLU A 75 5.13 27.30 5.88
CA GLU A 75 6.29 28.17 5.51
CA GLU A 75 6.29 28.16 5.50
C GLU A 75 7.72 27.53 5.45
N THR A 76 7.79 26.19 5.62
CA THR A 76 9.05 25.50 5.46
C THR A 76 9.06 24.77 4.12
N ASP A 77 10.15 24.92 3.36
CA ASP A 77 10.30 24.25 2.07
C ASP A 77 10.91 22.87 2.26
N TYR A 78 10.47 21.91 1.44
CA TYR A 78 10.95 20.54 1.50
C TYR A 78 11.35 20.04 0.12
N LEU A 79 12.28 19.10 0.11
CA LEU A 79 12.59 18.26 -1.04
C LEU A 79 12.16 16.85 -0.65
N VAL A 80 11.23 16.25 -1.40
CA VAL A 80 10.49 15.07 -0.95
C VAL A 80 11.02 13.82 -1.64
N PRO A 81 11.62 12.88 -0.91
CA PRO A 81 12.00 11.60 -1.54
C PRO A 81 10.76 10.79 -1.83
N MET A 82 10.68 10.25 -3.04
CA MET A 82 9.47 9.54 -3.51
C MET A 82 9.93 8.30 -4.24
N ALA A 83 9.59 7.12 -3.69
CA ALA A 83 9.89 5.84 -4.33
C ALA A 83 8.64 5.29 -5.00
N THR A 84 8.67 5.17 -6.32
CA THR A 84 7.52 4.67 -7.06
C THR A 84 7.99 4.05 -8.36
N GLU A 85 7.18 3.14 -8.89
CA GLU A 85 7.40 2.58 -10.21
C GLU A 85 6.52 3.23 -11.27
N GLU A 86 5.64 4.13 -10.87
CA GLU A 86 4.60 4.65 -11.78
C GLU A 86 5.05 5.94 -12.44
N PRO A 87 5.04 6.02 -13.78
CA PRO A 87 5.38 7.25 -14.44
C PRO A 87 4.43 8.39 -14.09
N SER A 88 4.95 9.60 -14.02
CA SER A 88 4.24 10.86 -13.85
C SER A 88 3.86 11.18 -12.40
N VAL A 89 3.98 10.24 -11.46
CA VAL A 89 3.62 10.53 -10.08
C VAL A 89 4.44 11.69 -9.54
N ILE A 90 5.76 11.63 -9.71
CA ILE A 90 6.62 12.65 -9.10
C ILE A 90 6.47 13.98 -9.79
N ALA A 91 6.39 13.98 -11.12
CA ALA A 91 6.12 15.23 -11.84
C ALA A 91 4.78 15.82 -11.45
N ALA A 92 3.77 14.98 -11.23
CA ALA A 92 2.46 15.48 -10.83
C ALA A 92 2.51 16.08 -9.44
N LEU A 93 3.20 15.44 -8.49
CA LEU A 93 3.31 16.02 -7.16
C LEU A 93 3.96 17.40 -7.27
N SER A 94 5.04 17.47 -8.03
CA SER A 94 5.76 18.74 -8.18
C SER A 94 4.85 19.80 -8.78
N ASN A 95 4.04 19.43 -9.77
CA ASN A 95 3.11 20.35 -10.42
C ASN A 95 2.06 20.83 -9.43
N GLY A 96 1.48 19.92 -8.66
CA GLY A 96 0.46 20.32 -7.70
C GLY A 96 1.02 21.17 -6.59
N ALA A 97 2.20 20.82 -6.09
CA ALA A 97 2.82 21.63 -5.04
C ALA A 97 3.09 23.04 -5.54
N LYS A 98 3.54 23.16 -6.78
CA LYS A 98 3.89 24.49 -7.34
C LYS A 98 2.62 25.33 -7.51
N ILE A 99 1.53 24.74 -7.99
CA ILE A 99 0.28 25.48 -8.11
C ILE A 99 -0.18 25.96 -6.75
N ALA A 100 -0.15 25.07 -5.76
CA ALA A 100 -0.71 25.38 -4.44
C ALA A 100 0.14 26.38 -3.68
N GLN A 101 1.44 26.41 -3.94
CA GLN A 101 2.39 27.32 -3.30
C GLN A 101 2.72 26.97 -1.84
N GLY A 102 1.76 26.48 -1.09
CA GLY A 102 2.00 26.13 0.29
C GLY A 102 0.77 25.49 0.92
N PHE A 103 1.04 24.77 2.01
CA PHE A 103 0.04 24.06 2.79
C PHE A 103 0.16 24.46 4.23
N LYS A 104 -0.97 24.44 4.94
CA LYS A 104 -1.02 24.88 6.35
C LYS A 104 -1.63 23.78 7.19
N THR A 105 -1.16 23.59 8.39
CA THR A 105 -1.74 22.60 9.30
C THR A 105 -3.01 23.13 9.92
N VAL A 106 -4.08 22.34 9.89
CA VAL A 106 -5.34 22.67 10.55
C VAL A 106 -5.42 22.05 11.93
N ASN A 107 -5.15 20.75 12.04
CA ASN A 107 -5.16 20.08 13.32
C ASN A 107 -4.29 18.83 13.24
N GLN A 108 -3.86 18.34 14.39
CA GLN A 108 -3.07 17.13 14.43
C GLN A 108 -3.11 16.53 15.83
N GLN A 109 -3.23 15.21 15.88
CA GLN A 109 -3.08 14.43 17.10
C GLN A 109 -2.07 13.33 16.81
N ARG A 110 -1.40 12.81 17.84
CA ARG A 110 -0.48 11.70 17.63
C ARG A 110 -0.48 10.77 18.84
N LEU A 111 -1.37 9.77 18.81
CA LEU A 111 -1.34 8.63 19.70
C LEU A 111 -1.64 7.39 18.89
N MET A 112 -1.10 6.26 19.34
CA MET A 112 -1.27 4.96 18.73
C MET A 112 -2.20 4.10 19.59
N ARG A 113 -2.88 3.16 18.95
CA ARG A 113 -3.95 2.39 19.57
CA ARG A 113 -3.96 2.40 19.56
C ARG A 113 -3.60 0.92 19.64
N GLY A 114 -4.03 0.28 20.75
CA GLY A 114 -4.01 -1.15 20.86
C GLY A 114 -5.27 -1.62 21.57
N GLN A 115 -5.47 -2.93 21.58
CA GLN A 115 -6.64 -3.49 22.25
C GLN A 115 -6.36 -4.85 22.85
N ILE A 116 -6.98 -5.08 24.01
CA ILE A 116 -7.11 -6.41 24.60
C ILE A 116 -8.59 -6.75 24.54
N VAL A 117 -8.93 -7.85 23.88
CA VAL A 117 -10.33 -8.20 23.64
C VAL A 117 -10.67 -9.45 24.43
N PHE A 118 -11.63 -9.32 25.34
CA PHE A 118 -12.20 -10.43 26.08
C PHE A 118 -13.42 -10.95 25.31
N TYR A 119 -13.69 -12.24 25.48
CA TYR A 119 -14.84 -12.86 24.85
C TYR A 119 -15.58 -13.73 25.87
N ASP A 120 -16.82 -14.10 25.51
CA ASP A 120 -17.68 -14.90 26.39
C ASP A 120 -17.89 -14.19 27.72
N VAL A 121 -18.01 -12.87 27.67
CA VAL A 121 -18.17 -12.08 28.88
C VAL A 121 -19.65 -12.07 29.26
N ALA A 122 -19.95 -12.61 30.44
CA ALA A 122 -21.34 -12.73 30.86
C ALA A 122 -21.94 -11.35 31.14
N ASP A 123 -21.16 -10.45 31.73
CA ASP A 123 -21.65 -9.15 32.16
C ASP A 123 -20.57 -8.11 31.84
N PRO A 124 -20.65 -7.48 30.67
CA PRO A 124 -19.60 -6.51 30.30
C PRO A 124 -19.47 -5.35 31.28
N GLU A 125 -20.59 -4.85 31.78
CA GLU A 125 -20.54 -3.76 32.75
C GLU A 125 -19.74 -4.14 33.98
N SER A 126 -19.93 -5.36 34.47
CA SER A 126 -19.21 -5.79 35.67
C SER A 126 -17.71 -5.92 35.40
N LEU A 127 -17.33 -6.48 34.25
CA LEU A 127 -15.91 -6.57 33.92
C LEU A 127 -15.29 -5.18 33.82
N ILE A 128 -15.99 -4.25 33.18
CA ILE A 128 -15.49 -2.89 33.04
C ILE A 128 -15.33 -2.22 34.40
N ASP A 129 -16.26 -2.47 35.34
CA ASP A 129 -16.10 -1.94 36.69
C ASP A 129 -14.82 -2.44 37.34
N LYS A 130 -14.51 -3.72 37.15
CA LYS A 130 -13.31 -4.29 37.77
C LYS A 130 -12.03 -3.74 37.14
N LEU A 131 -12.05 -3.46 35.84
CA LEU A 131 -10.90 -2.86 35.19
C LEU A 131 -10.74 -1.41 35.62
N GLN A 132 -11.85 -0.66 35.64
CA GLN A 132 -11.77 0.77 35.86
C GLN A 132 -11.26 1.11 37.26
N VAL A 133 -11.60 0.30 38.27
CA VAL A 133 -11.10 0.57 39.61
C VAL A 133 -9.63 0.21 39.75
N ARG A 134 -9.03 -0.43 38.75
CA ARG A 134 -7.64 -0.85 38.77
C ARG A 134 -6.78 -0.10 37.76
N GLU A 135 -7.23 1.07 37.30
CA GLU A 135 -6.50 1.76 36.25
C GLU A 135 -5.10 2.15 36.68
N ALA A 136 -4.89 2.58 37.93
CA ALA A 136 -3.54 2.92 38.35
C ALA A 136 -2.60 1.74 38.20
N GLU A 137 -3.06 0.55 38.58
CA GLU A 137 -2.26 -0.65 38.45
C GLU A 137 -2.01 -1.02 36.99
N ILE A 138 -2.99 -0.78 36.13
CA ILE A 138 -2.80 -1.03 34.70
C ILE A 138 -1.72 -0.12 34.14
N PHE A 139 -1.78 1.18 34.48
CA PHE A 139 -0.73 2.09 34.02
C PHE A 139 0.64 1.67 34.55
N GLN A 140 0.71 1.20 35.80
N GLN A 140 0.69 1.22 35.80
CA GLN A 140 2.00 0.78 36.32
CA GLN A 140 1.95 0.75 36.37
C GLN A 140 2.50 -0.47 35.60
C GLN A 140 2.49 -0.44 35.59
N GLN A 141 1.62 -1.42 35.32
CA GLN A 141 2.05 -2.60 34.57
C GLN A 141 2.47 -2.24 33.14
N ALA A 142 1.77 -1.27 32.54
CA ALA A 142 2.14 -0.85 31.19
C ALA A 142 3.56 -0.30 31.17
N GLU A 143 3.94 0.47 32.20
CA GLU A 143 5.28 1.01 32.26
C GLU A 143 6.31 -0.10 32.45
N LEU A 144 6.03 -1.04 33.36
CA LEU A 144 6.96 -2.13 33.64
C LEU A 144 7.19 -2.99 32.41
N SER A 145 6.17 -3.15 31.57
CA SER A 145 6.26 -3.98 30.39
C SER A 145 7.05 -3.31 29.26
N TYR A 146 7.23 -1.99 29.29
CA TYR A 146 8.07 -1.29 28.32
C TYR A 146 8.59 0.02 28.92
N PRO A 147 9.59 -0.06 29.80
CA PRO A 147 9.95 1.15 30.58
C PRO A 147 10.57 2.27 29.76
N SER A 148 11.23 1.94 28.66
CA SER A 148 12.01 2.96 27.95
C SER A 148 11.15 4.05 27.36
N ILE A 149 9.93 3.73 26.92
CA ILE A 149 9.10 4.77 26.31
C ILE A 149 8.67 5.79 27.37
N VAL A 150 8.46 5.36 28.60
CA VAL A 150 8.09 6.27 29.67
C VAL A 150 9.27 7.16 30.03
N LYS A 151 10.48 6.58 30.10
CA LYS A 151 11.69 7.36 30.33
C LYS A 151 11.80 8.48 29.31
N ARG A 152 11.47 8.22 28.06
CA ARG A 152 11.58 9.20 26.99
C ARG A 152 10.37 10.12 26.90
N GLY A 153 9.43 10.05 27.86
CA GLY A 153 8.34 11.00 27.93
C GLY A 153 7.06 10.58 27.28
N GLY A 154 6.98 9.35 26.77
CA GLY A 154 5.77 8.80 26.22
C GLY A 154 5.12 7.80 27.15
N GLY A 155 4.34 6.90 26.57
CA GLY A 155 3.74 5.81 27.28
C GLY A 155 2.22 5.87 27.21
N LEU A 156 1.59 4.99 27.98
CA LEU A 156 0.14 4.92 27.99
C LEU A 156 -0.46 6.24 28.44
N ARG A 157 -1.48 6.70 27.72
CA ARG A 157 -2.16 7.94 28.02
C ARG A 157 -3.60 7.78 28.43
N ASP A 158 -4.31 6.79 27.91
CA ASP A 158 -5.74 6.69 28.19
C ASP A 158 -6.19 5.25 27.97
N LEU A 159 -7.19 4.85 28.75
CA LEU A 159 -7.87 3.56 28.63
C LEU A 159 -9.32 3.85 28.31
N GLN A 160 -9.87 3.17 27.31
CA GLN A 160 -11.28 3.25 26.97
C GLN A 160 -11.84 1.84 26.87
N TYR A 161 -13.16 1.73 26.91
CA TYR A 161 -13.81 0.43 27.02
C TYR A 161 -15.01 0.38 26.10
N ARG A 162 -15.10 -0.68 25.29
CA ARG A 162 -16.23 -0.86 24.40
C ARG A 162 -16.73 -2.30 24.53
N ALA A 163 -18.05 -2.47 24.43
CA ALA A 163 -18.66 -3.78 24.48
C ALA A 163 -19.35 -4.07 23.16
N PHE A 164 -19.31 -5.33 22.74
CA PHE A 164 -19.90 -5.72 21.46
C PHE A 164 -20.67 -7.02 21.60
N ASP A 165 -21.85 -7.04 21.02
N ASP A 165 -21.89 -7.08 21.06
CA ASP A 165 -22.63 -8.24 20.85
CA ASP A 165 -22.56 -8.35 20.80
C ASP A 165 -22.97 -8.83 22.20
C ASP A 165 -22.91 -9.17 22.05
N GLU A 166 -22.87 -7.98 23.23
N GLU A 166 -23.00 -8.55 23.22
CA GLU A 166 -23.14 -8.27 24.63
CA GLU A 166 -23.26 -9.31 24.45
C GLU A 166 -22.23 -9.33 25.22
C GLU A 166 -22.28 -10.47 24.61
N SER A 167 -21.11 -9.67 24.55
N SER A 167 -21.03 -10.26 24.19
CA SER A 167 -20.23 -10.75 25.01
CA SER A 167 -20.02 -11.28 24.42
C SER A 167 -18.73 -10.56 24.72
C SER A 167 -18.65 -10.64 24.63
N PHE A 168 -18.38 -9.54 23.93
CA PHE A 168 -16.99 -9.10 23.78
C PHE A 168 -16.79 -7.79 24.52
N VAL A 169 -15.60 -7.61 25.09
CA VAL A 169 -15.19 -6.31 25.63
C VAL A 169 -13.81 -5.99 25.08
N SER A 170 -13.67 -4.82 24.48
CA SER A 170 -12.37 -4.30 24.05
C SER A 170 -11.88 -3.27 25.07
N VAL A 171 -10.72 -3.53 25.63
CA VAL A 171 -9.98 -2.55 26.43
C VAL A 171 -9.04 -1.84 25.47
N ASP A 172 -9.32 -0.57 25.20
CA ASP A 172 -8.59 0.21 24.22
C ASP A 172 -7.49 1.01 24.92
N PHE A 173 -6.27 0.90 24.42
CA PHE A 173 -5.09 1.56 24.97
C PHE A 173 -4.66 2.64 23.99
N LEU A 174 -4.53 3.88 24.45
CA LEU A 174 -4.06 4.97 23.62
C LEU A 174 -2.69 5.36 24.15
N VAL A 175 -1.67 5.27 23.31
CA VAL A 175 -0.28 5.27 23.73
C VAL A 175 0.50 6.32 22.96
N ASP A 176 1.29 7.13 23.69
CA ASP A 176 2.28 8.01 23.06
C ASP A 176 3.55 7.22 22.79
N VAL A 177 3.79 6.91 21.52
CA VAL A 177 4.95 6.14 21.10
C VAL A 177 6.07 7.03 20.56
N LYS A 178 5.99 8.33 20.79
CA LYS A 178 7.02 9.28 20.36
C LYS A 178 7.25 9.08 18.86
N ASP A 179 8.49 8.96 18.40
CA ASP A 179 8.78 9.00 16.97
C ASP A 179 8.73 7.63 16.29
N ALA A 180 8.34 6.58 16.99
CA ALA A 180 8.22 5.26 16.39
C ALA A 180 6.81 5.06 15.84
N MET A 181 6.65 4.08 14.95
CA MET A 181 5.29 3.70 14.55
CA MET A 181 5.29 3.70 14.55
C MET A 181 4.55 3.09 15.74
N GLY A 182 5.25 2.31 16.55
CA GLY A 182 4.73 1.89 17.84
C GLY A 182 4.33 0.45 17.97
N ALA A 183 4.47 -0.37 16.93
CA ALA A 183 3.97 -1.74 17.01
C ALA A 183 4.64 -2.51 18.13
N ASN A 184 5.96 -2.44 18.24
CA ASN A 184 6.64 -3.20 19.28
C ASN A 184 6.32 -2.67 20.67
N ILE A 185 6.28 -1.35 20.82
CA ILE A 185 5.95 -0.77 22.12
C ILE A 185 4.55 -1.19 22.55
N VAL A 186 3.57 -0.97 21.67
CA VAL A 186 2.19 -1.26 22.04
C VAL A 186 1.99 -2.74 22.28
N ASN A 187 2.54 -3.60 21.41
CA ASN A 187 2.31 -5.03 21.56
C ASN A 187 2.98 -5.55 22.83
N ALA A 188 4.15 -5.03 23.19
CA ALA A 188 4.80 -5.43 24.43
C ALA A 188 3.97 -4.99 25.64
N MET A 189 3.49 -3.75 25.61
N MET A 189 3.44 -3.76 25.60
CA MET A 189 2.64 -3.27 26.69
CA MET A 189 2.63 -3.26 26.71
C MET A 189 1.41 -4.15 26.83
C MET A 189 1.32 -4.04 26.85
N LEU A 190 0.71 -4.41 25.72
CA LEU A 190 -0.53 -5.18 25.78
C LEU A 190 -0.30 -6.58 26.31
N GLU A 191 0.77 -7.23 25.89
CA GLU A 191 1.09 -8.60 26.33
C GLU A 191 1.34 -8.58 27.83
N GLY A 192 2.07 -7.59 28.34
CA GLY A 192 2.32 -7.51 29.77
C GLY A 192 1.06 -7.26 30.58
N VAL A 193 0.22 -6.34 30.11
CA VAL A 193 -1.03 -6.08 30.81
C VAL A 193 -1.96 -7.29 30.75
N ALA A 194 -2.00 -7.98 29.60
CA ALA A 194 -2.84 -9.16 29.50
C ALA A 194 -2.43 -10.23 30.52
N GLU A 195 -1.13 -10.39 30.75
CA GLU A 195 -0.65 -11.33 31.77
C GLU A 195 -1.20 -10.97 33.14
N LEU A 196 -1.21 -9.67 33.48
CA LEU A 196 -1.79 -9.24 34.74
C LEU A 196 -3.29 -9.50 34.76
N PHE A 197 -3.97 -9.21 33.66
CA PHE A 197 -5.41 -9.49 33.59
C PHE A 197 -5.71 -10.97 33.85
N ARG A 198 -4.86 -11.87 33.33
CA ARG A 198 -5.10 -13.29 33.56
CA ARG A 198 -5.09 -13.30 33.56
C ARG A 198 -4.92 -13.67 35.02
N GLU A 199 -4.04 -12.98 35.74
N GLU A 199 -4.06 -12.95 35.75
CA GLU A 199 -3.91 -13.20 37.18
CA GLU A 199 -3.88 -13.18 37.18
C GLU A 199 -5.13 -12.67 37.92
C GLU A 199 -5.05 -12.63 37.98
N TRP A 200 -5.58 -11.46 37.57
CA TRP A 200 -6.66 -10.85 38.29
C TRP A 200 -8.00 -11.53 38.02
N PHE A 201 -8.23 -11.96 36.79
CA PHE A 201 -9.54 -12.43 36.34
C PHE A 201 -9.39 -13.83 35.73
N ALA A 202 -9.12 -14.81 36.59
CA ALA A 202 -8.82 -16.16 36.12
C ALA A 202 -9.97 -16.79 35.35
N GLU A 203 -11.21 -16.33 35.53
CA GLU A 203 -12.42 -16.88 34.85
C GLU A 203 -12.85 -16.05 33.64
N GLN A 204 -12.24 -14.89 33.40
CA GLN A 204 -12.51 -14.21 32.14
C GLN A 204 -11.55 -14.79 31.09
N LYS A 205 -11.91 -14.63 29.82
CA LYS A 205 -11.15 -15.21 28.74
C LYS A 205 -10.72 -14.10 27.79
N ILE A 206 -9.42 -14.02 27.52
CA ILE A 206 -8.89 -13.06 26.57
C ILE A 206 -8.76 -13.73 25.22
N LEU A 207 -9.39 -13.17 24.20
CA LEU A 207 -9.32 -13.72 22.82
C LEU A 207 -7.95 -13.37 22.22
N PHE A 208 -7.53 -12.10 22.26
CA PHE A 208 -6.21 -11.68 21.72
C PHE A 208 -5.79 -10.32 22.31
N SER A 209 -4.65 -9.92 22.14
N SER A 209 -4.65 -9.96 22.22
CA SER A 209 -4.11 -8.65 22.58
CA SER A 209 -4.16 -8.63 22.54
C SER A 209 -3.14 -8.14 21.50
C SER A 209 -3.27 -8.24 21.37
N ILE A 210 -3.51 -7.06 20.81
CA ILE A 210 -2.77 -6.63 19.64
C ILE A 210 -3.02 -5.17 19.34
N LEU A 211 -2.02 -4.55 18.71
CA LEU A 211 -2.15 -3.24 18.12
C LEU A 211 -3.38 -3.12 17.23
N SER A 212 -3.89 -1.93 17.08
CA SER A 212 -4.78 -1.62 15.96
C SER A 212 -4.08 -0.68 14.99
N ASN A 213 -4.14 -1.02 13.71
CA ASN A 213 -3.60 -0.13 12.70
C ASN A 213 -4.54 1.00 12.35
N TYR A 214 -5.76 1.02 12.90
CA TYR A 214 -6.71 2.10 12.60
C TYR A 214 -6.42 3.25 13.55
N ALA A 215 -5.43 4.07 13.17
CA ALA A 215 -4.82 5.04 14.10
C ALA A 215 -5.60 6.35 14.09
N THR A 216 -6.83 6.28 14.62
CA THR A 216 -7.73 7.42 14.57
C THR A 216 -7.30 8.54 15.51
N GLU A 217 -6.32 8.30 16.39
CA GLU A 217 -5.75 9.36 17.21
C GLU A 217 -4.44 9.87 16.64
N SER A 218 -4.12 9.53 15.38
CA SER A 218 -2.97 10.10 14.68
C SER A 218 -3.43 10.82 13.41
N VAL A 219 -4.63 11.35 13.41
CA VAL A 219 -5.13 12.10 12.27
C VAL A 219 -4.47 13.46 12.18
N VAL A 220 -4.14 13.85 10.96
CA VAL A 220 -3.62 15.17 10.64
C VAL A 220 -4.48 15.74 9.51
N THR A 221 -4.83 17.02 9.65
CA THR A 221 -5.64 17.74 8.66
C THR A 221 -4.81 18.91 8.15
N MET A 222 -4.65 18.98 6.83
CA MET A 222 -3.86 20.02 6.18
C MET A 222 -4.72 20.70 5.13
N LYS A 223 -4.43 21.97 4.85
CA LYS A 223 -5.22 22.70 3.86
C LYS A 223 -4.35 23.59 2.99
N THR A 224 -4.94 24.02 1.88
CA THR A 224 -4.34 25.01 0.99
C THR A 224 -5.45 25.92 0.46
N ALA A 225 -5.07 27.16 0.16
CA ALA A 225 -5.97 28.16 -0.41
C ALA A 225 -5.27 28.74 -1.62
N ILE A 226 -5.88 28.60 -2.80
CA ILE A 226 -5.20 28.84 -4.06
C ILE A 226 -5.96 29.90 -4.86
N PRO A 227 -5.33 31.02 -5.20
CA PRO A 227 -5.96 31.95 -6.16
C PRO A 227 -6.31 31.21 -7.44
N VAL A 228 -7.56 31.36 -7.88
CA VAL A 228 -8.03 30.54 -9.00
C VAL A 228 -7.24 30.78 -10.28
N SER A 229 -6.63 31.96 -10.45
CA SER A 229 -5.85 32.21 -11.65
C SER A 229 -4.70 31.22 -11.82
N ARG A 230 -4.26 30.58 -10.75
CA ARG A 230 -3.14 29.65 -10.84
C ARG A 230 -3.53 28.30 -11.43
N LEU A 231 -4.82 28.07 -11.69
CA LEU A 231 -5.31 26.79 -12.16
C LEU A 231 -5.33 26.68 -13.67
N SER A 232 -5.00 27.75 -14.39
CA SER A 232 -4.96 27.73 -15.84
C SER A 232 -3.92 28.72 -16.33
N LYS A 233 -3.33 28.42 -17.49
CA LYS A 233 -2.47 29.38 -18.15
C LYS A 233 -3.26 30.45 -18.87
N GLY A 234 -4.56 30.27 -19.04
CA GLY A 234 -5.44 31.23 -19.67
C GLY A 234 -6.24 32.01 -18.65
N SER A 235 -7.43 32.45 -19.08
CA SER A 235 -8.26 33.34 -18.29
C SER A 235 -9.39 32.62 -17.59
N ASN A 236 -9.42 31.28 -17.65
CA ASN A 236 -10.54 30.48 -17.20
C ASN A 236 -10.26 29.73 -15.91
N GLY A 237 -9.41 30.29 -15.05
CA GLY A 237 -9.06 29.59 -13.82
C GLY A 237 -10.25 29.32 -12.92
N ARG A 238 -11.20 30.26 -12.86
CA ARG A 238 -12.37 30.04 -12.02
C ARG A 238 -13.20 28.87 -12.54
N GLU A 239 -13.46 28.79 -13.86
N GLU A 239 -13.40 28.80 -13.86
CA GLU A 239 -14.22 27.61 -14.34
CA GLU A 239 -14.19 27.70 -14.49
C GLU A 239 -13.40 26.33 -14.00
C GLU A 239 -13.42 26.36 -14.21
N ILE A 240 -12.04 26.27 -14.16
CA ILE A 240 -11.32 25.06 -13.77
C ILE A 240 -11.59 24.76 -12.30
N ALA A 241 -11.54 25.78 -11.44
CA ALA A 241 -11.81 25.57 -10.02
C ALA A 241 -13.21 24.99 -9.81
N GLU A 242 -14.22 25.52 -10.52
CA GLU A 242 -15.58 25.00 -10.39
C GLU A 242 -15.62 23.52 -10.75
N LYS A 243 -14.90 23.14 -11.79
CA LYS A 243 -14.88 21.73 -12.25
C LYS A 243 -14.10 20.87 -11.26
N ILE A 244 -13.03 21.35 -10.64
CA ILE A 244 -12.35 20.60 -9.59
C ILE A 244 -13.29 20.35 -8.43
N VAL A 245 -14.05 21.37 -8.05
CA VAL A 245 -15.03 21.20 -6.97
C VAL A 245 -16.04 20.12 -7.33
N LEU A 246 -16.53 20.13 -8.57
CA LEU A 246 -17.50 19.12 -8.98
C LEU A 246 -16.89 17.72 -8.98
N ALA A 247 -15.63 17.60 -9.45
CA ALA A 247 -15.01 16.27 -9.51
C ALA A 247 -14.77 15.72 -8.12
N SER A 248 -14.42 16.59 -7.18
CA SER A 248 -14.23 16.17 -5.81
C SER A 248 -15.55 15.80 -5.16
N ARG A 249 -16.60 16.57 -5.42
CA ARG A 249 -17.90 16.21 -4.89
C ARG A 249 -18.40 14.90 -5.48
N TYR A 250 -18.10 14.66 -6.76
CA TYR A 250 -18.52 13.41 -7.41
C TYR A 250 -17.95 12.19 -6.68
N ALA A 251 -16.76 12.31 -6.09
CA ALA A 251 -16.21 11.19 -5.32
C ALA A 251 -17.07 10.86 -4.11
N SER A 252 -17.83 11.83 -3.58
CA SER A 252 -18.74 11.54 -2.49
C SER A 252 -20.01 10.82 -2.92
N LEU A 253 -20.28 10.79 -4.21
CA LEU A 253 -21.48 10.16 -4.74
C LEU A 253 -21.20 8.79 -5.34
N ASP A 254 -20.01 8.59 -5.89
CA ASP A 254 -19.72 7.37 -6.66
C ASP A 254 -18.45 6.71 -6.14
N PRO A 255 -18.55 5.54 -5.51
N PRO A 255 -18.56 5.58 -5.43
CA PRO A 255 -17.35 4.89 -4.98
CA PRO A 255 -17.34 4.90 -4.97
C PRO A 255 -16.36 4.51 -6.07
C PRO A 255 -16.37 4.52 -6.06
N TYR A 256 -16.83 4.26 -7.29
CA TYR A 256 -15.92 3.95 -8.38
C TYR A 256 -14.97 5.11 -8.67
N ARG A 257 -15.41 6.35 -8.43
CA ARG A 257 -14.49 7.47 -8.51
C ARG A 257 -13.70 7.64 -7.22
N ALA A 258 -14.36 7.50 -6.07
CA ALA A 258 -13.68 7.73 -4.80
C ALA A 258 -12.45 6.85 -4.66
N VAL A 259 -12.55 5.57 -5.04
CA VAL A 259 -11.41 4.67 -4.92
C VAL A 259 -10.24 5.18 -5.74
N THR A 260 -10.51 5.63 -6.97
CA THR A 260 -9.46 6.11 -7.86
C THR A 260 -8.87 7.44 -7.36
N HIS A 261 -9.74 8.33 -6.89
CA HIS A 261 -9.34 9.60 -6.29
C HIS A 261 -8.37 9.34 -5.14
N ASN A 262 -8.73 8.42 -4.25
CA ASN A 262 -7.86 8.13 -3.11
C ASN A 262 -6.61 7.36 -3.54
N LYS A 263 -6.73 6.50 -4.55
CA LYS A 263 -5.55 5.82 -5.09
C LYS A 263 -4.53 6.85 -5.57
N GLY A 264 -4.99 7.89 -6.27
CA GLY A 264 -4.07 8.94 -6.70
C GLY A 264 -3.37 9.60 -5.53
N ILE A 265 -4.13 9.96 -4.50
CA ILE A 265 -3.55 10.51 -3.28
C ILE A 265 -2.47 9.58 -2.75
N MET A 266 -2.77 8.29 -2.69
CA MET A 266 -1.82 7.31 -2.15
C MET A 266 -0.62 7.11 -3.04
N ASN A 267 -0.72 7.38 -4.35
CA ASN A 267 0.48 7.33 -5.16
C ASN A 267 1.55 8.26 -4.59
N GLY A 268 1.14 9.43 -4.10
CA GLY A 268 2.06 10.36 -3.48
C GLY A 268 2.41 9.97 -2.06
N ILE A 269 1.39 9.67 -1.24
CA ILE A 269 1.65 9.32 0.15
C ILE A 269 2.52 8.08 0.24
N GLU A 270 2.13 7.00 -0.46
CA GLU A 270 2.90 5.76 -0.36
C GLU A 270 4.32 5.94 -0.85
N ALA A 271 4.54 6.80 -1.84
CA ALA A 271 5.90 6.99 -2.35
C ALA A 271 6.83 7.54 -1.29
N VAL A 272 6.34 8.46 -0.46
CA VAL A 272 7.17 9.02 0.61
C VAL A 272 7.28 8.04 1.77
N VAL A 273 6.19 7.37 2.09
CA VAL A 273 6.19 6.34 3.13
C VAL A 273 7.23 5.28 2.80
N LEU A 274 7.24 4.80 1.56
CA LEU A 274 8.21 3.78 1.17
C LEU A 274 9.63 4.32 1.21
N ALA A 275 9.85 5.52 0.66
CA ALA A 275 11.21 6.06 0.59
C ALA A 275 11.81 6.25 1.97
N THR A 276 10.99 6.55 2.98
CA THR A 276 11.46 6.84 4.33
C THR A 276 11.50 5.59 5.21
N GLY A 277 11.24 4.42 4.66
CA GLY A 277 11.34 3.19 5.44
C GLY A 277 10.15 2.90 6.31
N ASN A 278 9.01 3.52 6.03
CA ASN A 278 7.79 3.29 6.79
C ASN A 278 6.98 2.13 6.19
N ASP A 279 6.03 1.65 6.99
CA ASP A 279 5.19 0.50 6.65
C ASP A 279 4.06 0.96 5.74
N THR A 280 4.10 0.55 4.46
CA THR A 280 3.12 1.00 3.48
C THR A 280 1.77 0.34 3.70
N ARG A 281 1.72 -0.88 4.22
CA ARG A 281 0.40 -1.50 4.42
C ARG A 281 -0.34 -0.79 5.53
N ALA A 282 0.37 -0.37 6.56
CA ALA A 282 -0.28 0.26 7.70
C ALA A 282 -0.91 1.58 7.30
N VAL A 283 -0.19 2.37 6.50
CA VAL A 283 -0.72 3.64 6.04
C VAL A 283 -1.91 3.44 5.10
N SER A 284 -1.79 2.48 4.18
N SER A 284 -1.82 2.44 4.22
CA SER A 284 -2.88 2.19 3.27
CA SER A 284 -2.91 2.23 3.28
C SER A 284 -4.14 1.78 4.02
C SER A 284 -4.16 1.70 3.96
N ALA A 285 -3.98 0.89 5.00
CA ALA A 285 -5.14 0.40 5.73
C ALA A 285 -5.80 1.52 6.53
N SER A 286 -5.01 2.33 7.21
CA SER A 286 -5.59 3.39 8.04
C SER A 286 -6.25 4.45 7.16
N CYS A 287 -5.63 4.82 6.04
CA CYS A 287 -6.19 5.87 5.19
C CYS A 287 -7.45 5.40 4.49
N HIS A 288 -7.44 4.20 3.90
CA HIS A 288 -8.64 3.74 3.18
C HIS A 288 -9.79 3.47 4.14
N ALA A 289 -9.51 2.98 5.34
CA ALA A 289 -10.60 2.79 6.29
C ALA A 289 -11.17 4.14 6.73
N PHE A 290 -10.30 5.15 6.91
CA PHE A 290 -10.77 6.48 7.30
C PHE A 290 -11.62 7.13 6.22
N ALA A 291 -11.49 6.66 4.98
CA ALA A 291 -12.30 7.18 3.89
C ALA A 291 -13.77 6.82 4.04
N VAL A 292 -14.11 5.87 4.90
CA VAL A 292 -15.50 5.48 5.09
C VAL A 292 -16.11 6.48 6.07
N LYS A 293 -17.06 7.27 5.59
CA LYS A 293 -17.74 8.27 6.39
C LYS A 293 -19.24 8.15 6.10
N GLU A 294 -20.03 8.22 7.16
CA GLU A 294 -21.48 8.06 7.06
C GLU A 294 -21.86 6.78 6.32
N GLY A 295 -21.06 5.74 6.51
CA GLY A 295 -21.35 4.45 5.94
C GLY A 295 -21.01 4.27 4.47
N ARG A 296 -20.27 5.21 3.88
CA ARG A 296 -19.94 5.14 2.46
C ARG A 296 -18.45 5.44 2.28
N TYR A 297 -17.80 4.68 1.42
CA TYR A 297 -16.42 4.97 1.02
C TYR A 297 -16.40 6.22 0.15
N GLN A 298 -15.72 7.27 0.60
CA GLN A 298 -15.71 8.57 -0.06
C GLN A 298 -14.27 9.06 -0.22
N GLY A 299 -14.10 10.23 -0.84
CA GLY A 299 -12.77 10.80 -0.99
C GLY A 299 -12.20 11.29 0.33
N LEU A 300 -10.86 11.30 0.42
CA LEU A 300 -10.15 11.74 1.61
C LEU A 300 -9.87 13.24 1.61
N THR A 301 -10.26 13.95 0.56
CA THR A 301 -10.07 15.39 0.47
C THR A 301 -11.40 16.07 0.16
N SER A 302 -11.45 17.36 0.44
CA SER A 302 -12.55 18.22 0.03
C SER A 302 -11.97 19.42 -0.70
N TRP A 303 -12.70 19.88 -1.72
CA TRP A 303 -12.34 21.05 -2.50
C TRP A 303 -13.58 21.93 -2.62
N THR A 304 -13.42 23.21 -2.29
CA THR A 304 -14.53 24.14 -2.35
C THR A 304 -14.02 25.47 -2.88
N LEU A 305 -14.93 26.24 -3.44
CA LEU A 305 -14.62 27.58 -3.94
C LEU A 305 -15.14 28.58 -2.91
N ASP A 306 -14.25 29.45 -2.45
CA ASP A 306 -14.57 30.48 -1.46
C ASP A 306 -14.05 31.79 -2.03
N GLY A 307 -14.97 32.64 -2.49
CA GLY A 307 -14.53 33.87 -3.14
C GLY A 307 -13.79 33.55 -4.43
N GLU A 308 -12.58 34.08 -4.56
CA GLU A 308 -11.74 33.81 -5.72
C GLU A 308 -10.61 32.84 -5.40
N GLN A 309 -10.80 31.98 -4.38
CA GLN A 309 -9.79 31.00 -4.00
C GLN A 309 -10.41 29.60 -4.02
N LEU A 310 -9.63 28.64 -4.50
CA LEU A 310 -9.98 27.22 -4.38
C LEU A 310 -9.34 26.69 -3.10
N ILE A 311 -10.16 26.11 -2.23
CA ILE A 311 -9.75 25.69 -0.90
C ILE A 311 -9.73 24.17 -0.89
N GLY A 312 -8.59 23.58 -0.56
CA GLY A 312 -8.47 22.13 -0.46
C GLY A 312 -8.10 21.73 0.96
N GLU A 313 -8.63 20.58 1.39
CA GLU A 313 -8.31 20.02 2.70
C GLU A 313 -8.21 18.52 2.60
N ILE A 314 -7.25 17.96 3.35
CA ILE A 314 -7.09 16.51 3.49
C ILE A 314 -7.12 16.20 4.97
N SER A 315 -7.73 15.07 5.33
N SER A 315 -7.68 15.04 5.31
CA SER A 315 -7.63 14.53 6.68
CA SER A 315 -7.61 14.54 6.68
C SER A 315 -7.28 13.06 6.54
C SER A 315 -7.32 13.04 6.62
N VAL A 316 -6.20 12.63 7.18
CA VAL A 316 -5.76 11.23 7.11
C VAL A 316 -5.12 10.80 8.43
N PRO A 317 -5.30 9.55 8.86
CA PRO A 317 -4.52 9.01 9.97
C PRO A 317 -3.15 8.57 9.47
N LEU A 318 -2.11 9.20 9.99
CA LEU A 318 -0.73 8.93 9.56
C LEU A 318 0.13 8.67 10.79
N ALA A 319 0.12 7.44 11.27
CA ALA A 319 0.94 7.02 12.40
C ALA A 319 2.31 6.60 11.86
N LEU A 320 3.07 7.60 11.40
CA LEU A 320 4.34 7.38 10.72
C LEU A 320 5.50 7.44 11.72
N ALA A 321 6.66 7.01 11.26
CA ALA A 321 7.86 6.86 12.08
C ALA A 321 9.06 7.57 11.50
N THR A 322 9.90 8.14 12.37
CA THR A 322 11.24 8.55 12.02
C THR A 322 12.30 7.69 12.70
N VAL A 323 11.89 6.79 13.60
CA VAL A 323 12.79 5.83 14.23
C VAL A 323 12.11 4.46 14.25
N GLY A 324 12.92 3.42 14.40
CA GLY A 324 12.42 2.07 14.49
C GLY A 324 12.03 1.49 13.14
N GLY A 325 11.54 0.25 13.19
CA GLY A 325 11.14 -0.41 11.96
C GLY A 325 12.29 -0.47 10.97
N ALA A 326 12.00 -0.03 9.74
CA ALA A 326 12.99 -0.01 8.66
C ALA A 326 13.50 1.40 8.38
N THR A 327 13.29 2.34 9.31
CA THR A 327 13.67 3.72 9.07
C THR A 327 15.17 3.97 9.22
N LYS A 328 15.88 3.11 9.92
CA LYS A 328 17.31 3.25 10.11
C LYS A 328 18.10 2.07 9.56
N VAL A 329 17.60 0.85 9.72
CA VAL A 329 18.39 -0.32 9.33
C VAL A 329 18.61 -0.39 7.82
N LEU A 330 17.69 0.15 7.02
CA LEU A 330 17.90 0.26 5.60
C LEU A 330 18.62 1.58 5.30
N PRO A 331 19.86 1.54 4.79
CA PRO A 331 20.58 2.80 4.55
C PRO A 331 19.83 3.77 3.65
N LYS A 332 19.07 3.30 2.65
CA LYS A 332 18.34 4.24 1.80
C LYS A 332 17.30 5.03 2.59
N SER A 333 16.72 4.43 3.63
CA SER A 333 15.79 5.19 4.48
C SER A 333 16.49 6.37 5.13
N GLN A 334 17.70 6.16 5.62
CA GLN A 334 18.46 7.25 6.24
C GLN A 334 18.81 8.31 5.22
N ALA A 335 19.16 7.89 4.01
CA ALA A 335 19.48 8.85 2.96
C ALA A 335 18.27 9.69 2.59
N ALA A 336 17.10 9.04 2.42
CA ALA A 336 15.88 9.77 2.16
C ALA A 336 15.55 10.73 3.28
N ALA A 337 15.76 10.31 4.54
CA ALA A 337 15.45 11.18 5.67
C ALA A 337 16.40 12.38 5.73
N ASP A 338 17.65 12.21 5.30
CA ASP A 338 18.56 13.36 5.19
C ASP A 338 18.03 14.36 4.18
N LEU A 339 17.63 13.89 3.00
CA LEU A 339 17.08 14.80 2.00
C LEU A 339 15.84 15.52 2.51
N LEU A 340 14.93 14.79 3.15
CA LEU A 340 13.67 15.39 3.58
C LEU A 340 13.87 16.35 4.75
N ALA A 341 14.61 15.92 5.77
N ALA A 341 14.94 16.13 5.53
CA ALA A 341 14.95 16.77 6.92
CA ALA A 341 15.34 17.03 6.61
C ALA A 341 13.72 17.29 7.67
C ALA A 341 14.31 17.03 7.73
N VAL A 342 12.93 16.36 8.21
N VAL A 342 13.78 15.85 8.03
CA VAL A 342 11.92 16.69 9.21
CA VAL A 342 12.75 15.67 9.04
C VAL A 342 12.52 16.49 10.59
C VAL A 342 13.17 14.52 9.96
N THR A 343 12.01 17.21 11.60
N THR A 343 13.24 14.81 11.26
CA THR A 343 12.57 17.08 12.94
CA THR A 343 13.49 13.79 12.27
C THR A 343 12.01 15.89 13.70
C THR A 343 12.33 13.62 13.24
N ASP A 344 10.77 15.49 13.42
N ASP A 344 11.35 14.53 13.22
CA ASP A 344 10.13 14.44 14.20
CA ASP A 344 10.19 14.47 14.10
C ASP A 344 9.00 13.85 13.40
C ASP A 344 9.01 13.83 13.36
N ALA A 345 8.41 12.80 13.96
CA ALA A 345 7.38 12.05 13.25
C ALA A 345 6.10 12.86 13.05
N LYS A 346 5.76 13.75 13.99
CA LYS A 346 4.60 14.60 13.77
C LYS A 346 4.79 15.44 12.53
N GLU A 347 5.99 16.02 12.35
CA GLU A 347 6.29 16.80 11.16
C GLU A 347 6.23 15.94 9.91
N LEU A 348 6.77 14.72 9.98
CA LEU A 348 6.69 13.82 8.85
C LEU A 348 5.24 13.62 8.41
N SER A 349 4.33 13.40 9.36
CA SER A 349 2.92 13.23 8.99
C SER A 349 2.34 14.47 8.35
N ARG A 350 2.71 15.67 8.83
CA ARG A 350 2.20 16.87 8.20
C ARG A 350 2.68 16.99 6.76
N VAL A 351 3.96 16.70 6.53
CA VAL A 351 4.50 16.75 5.19
C VAL A 351 3.81 15.74 4.28
N VAL A 352 3.63 14.50 4.77
CA VAL A 352 3.07 13.45 3.94
C VAL A 352 1.61 13.74 3.60
N ALA A 353 0.86 14.27 4.56
CA ALA A 353 -0.51 14.67 4.26
C ALA A 353 -0.55 15.78 3.20
N ALA A 354 0.35 16.75 3.30
CA ALA A 354 0.43 17.79 2.29
C ALA A 354 0.74 17.22 0.92
N VAL A 355 1.66 16.23 0.86
CA VAL A 355 1.94 15.56 -0.41
C VAL A 355 0.66 14.97 -1.00
N GLY A 356 -0.15 14.31 -0.16
CA GLY A 356 -1.37 13.71 -0.66
C GLY A 356 -2.31 14.75 -1.24
N LEU A 357 -2.43 15.91 -0.60
CA LEU A 357 -3.32 16.95 -1.10
C LEU A 357 -2.78 17.58 -2.37
N ALA A 358 -1.48 17.81 -2.43
CA ALA A 358 -0.87 18.33 -3.65
C ALA A 358 -1.04 17.37 -4.81
N GLN A 359 -0.85 16.07 -4.56
CA GLN A 359 -1.03 15.06 -5.60
C GLN A 359 -2.45 15.10 -6.12
N ASN A 360 -3.42 15.15 -5.21
CA ASN A 360 -4.83 15.20 -5.59
C ASN A 360 -5.13 16.45 -6.42
N LEU A 361 -4.55 17.59 -6.05
CA LEU A 361 -4.78 18.80 -6.82
C LEU A 361 -4.29 18.63 -8.25
N ALA A 362 -3.06 18.13 -8.41
CA ALA A 362 -2.55 17.93 -9.77
C ALA A 362 -3.43 16.99 -10.55
N ALA A 363 -3.91 15.93 -9.93
CA ALA A 363 -4.76 14.97 -10.60
C ALA A 363 -6.09 15.60 -11.01
N LEU A 364 -6.75 16.27 -10.07
CA LEU A 364 -8.07 16.82 -10.39
C LEU A 364 -7.98 17.92 -11.43
N ARG A 365 -6.97 18.79 -11.34
CA ARG A 365 -6.83 19.82 -12.35
C ARG A 365 -6.69 19.19 -13.73
N ALA A 366 -5.83 18.19 -13.86
CA ALA A 366 -5.65 17.53 -15.15
C ALA A 366 -6.93 16.83 -15.59
N LEU A 367 -7.57 16.09 -14.68
N LEU A 367 -7.59 16.09 -14.70
CA LEU A 367 -8.76 15.34 -15.06
CA LEU A 367 -8.80 15.27 -15.03
C LEU A 367 -9.80 16.24 -15.73
C LEU A 367 -9.93 16.09 -15.69
N VAL A 368 -10.04 17.42 -15.14
CA VAL A 368 -11.13 18.28 -15.62
C VAL A 368 -10.68 19.25 -16.71
N SER A 369 -9.40 19.26 -17.05
CA SER A 369 -8.85 20.16 -18.06
C SER A 369 -8.50 19.33 -19.30
N GLU A 370 -7.21 19.15 -19.58
CA GLU A 370 -6.79 18.42 -20.77
C GLU A 370 -6.97 16.91 -20.62
N GLY A 371 -7.14 16.42 -19.39
CA GLY A 371 -7.23 15.00 -19.11
C GLY A 371 -5.88 14.42 -18.70
N ILE A 372 -5.95 13.36 -17.89
CA ILE A 372 -4.71 12.73 -17.44
C ILE A 372 -3.95 12.11 -18.60
N GLN A 373 -4.66 11.54 -19.57
CA GLN A 373 -4.01 10.96 -20.74
C GLN A 373 -3.12 11.99 -21.45
N LYS A 374 -3.67 13.18 -21.73
CA LYS A 374 -2.89 14.21 -22.37
C LYS A 374 -1.80 14.73 -21.45
N GLY A 375 -2.05 14.76 -20.14
CA GLY A 375 -1.01 15.15 -19.21
C GLY A 375 0.19 14.22 -19.23
N HIS A 376 -0.06 12.91 -19.22
CA HIS A 376 1.05 11.97 -19.38
C HIS A 376 1.80 12.24 -20.68
N MET A 377 1.05 12.44 -21.77
CA MET A 377 1.66 12.62 -23.08
C MET A 377 2.54 13.86 -23.11
N ALA A 378 2.15 14.91 -22.40
CA ALA A 378 2.95 16.12 -22.37
C ALA A 378 4.26 15.88 -21.64
N LEU A 379 4.22 15.06 -20.59
CA LEU A 379 5.47 14.71 -19.89
C LEU A 379 6.35 13.84 -20.77
N GLN A 380 5.77 12.91 -21.50
CA GLN A 380 6.54 12.09 -22.43
C GLN A 380 7.19 12.96 -23.51
N ALA A 381 6.45 13.95 -24.03
CA ALA A 381 6.99 14.80 -25.08
C ALA A 381 8.20 15.58 -24.60
N ARG A 382 8.10 16.14 -23.40
CA ARG A 382 9.22 16.88 -22.81
C ARG A 382 10.42 15.98 -22.59
N SER A 383 10.17 14.75 -22.14
CA SER A 383 11.26 13.80 -21.94
C SER A 383 11.96 13.50 -23.26
N LEU A 384 11.17 13.28 -24.32
CA LEU A 384 11.77 12.99 -25.62
C LEU A 384 12.60 14.16 -26.11
N ALA A 385 12.10 15.38 -25.94
CA ALA A 385 12.84 16.57 -26.33
C ALA A 385 14.20 16.60 -25.63
N MET A 386 14.21 16.34 -24.33
CA MET A 386 15.46 16.36 -23.53
C MET A 386 16.35 15.21 -23.99
N THR A 387 15.82 14.04 -24.24
CA THR A 387 16.65 12.90 -24.61
C THR A 387 17.42 13.14 -25.90
N VAL A 388 16.79 13.81 -26.88
CA VAL A 388 17.44 14.01 -28.17
C VAL A 388 18.31 15.27 -28.20
N GLY A 389 18.42 15.99 -27.09
CA GLY A 389 19.40 17.06 -26.95
C GLY A 389 18.89 18.48 -26.95
N ALA A 390 17.58 18.69 -26.85
CA ALA A 390 17.07 20.05 -26.79
C ALA A 390 17.49 20.71 -25.49
N THR A 391 17.79 22.00 -25.54
CA THR A 391 18.14 22.80 -24.35
C THR A 391 17.36 24.11 -24.37
N GLY A 392 17.02 24.65 -23.21
CA GLY A 392 16.38 25.95 -23.16
C GLY A 392 15.03 25.93 -23.84
N LYS A 393 14.76 26.97 -24.62
CA LYS A 393 13.45 27.13 -25.29
C LYS A 393 13.25 25.98 -26.28
N GLU A 394 14.30 25.25 -26.65
CA GLU A 394 14.16 24.12 -27.57
C GLU A 394 13.29 23.04 -26.97
N VAL A 395 13.36 22.84 -25.65
CA VAL A 395 12.64 21.73 -25.03
C VAL A 395 11.13 21.91 -25.21
N GLU A 396 10.64 23.08 -24.89
CA GLU A 396 9.19 23.37 -25.00
C GLU A 396 8.84 23.43 -26.48
N ALA A 397 9.74 23.87 -27.36
CA ALA A 397 9.44 23.95 -28.77
C ALA A 397 9.28 22.55 -29.37
N VAL A 398 10.20 21.63 -29.06
CA VAL A 398 10.09 20.27 -29.57
C VAL A 398 8.88 19.58 -28.98
N ALA A 399 8.69 19.70 -27.66
CA ALA A 399 7.58 19.01 -27.00
C ALA A 399 6.24 19.50 -27.54
N GLN A 400 6.10 20.79 -27.73
CA GLN A 400 4.83 21.31 -28.24
C GLN A 400 4.54 20.76 -29.63
N GLN A 401 5.57 20.65 -30.47
CA GLN A 401 5.36 20.11 -31.81
C GLN A 401 5.09 18.61 -31.77
N LEU A 402 5.78 17.89 -30.88
CA LEU A 402 5.50 16.47 -30.75
C LEU A 402 4.02 16.22 -30.47
N LYS A 403 3.40 17.09 -29.66
CA LYS A 403 2.01 16.90 -29.26
C LYS A 403 1.02 17.05 -30.43
N ARG A 404 1.45 17.59 -31.56
CA ARG A 404 0.53 17.88 -32.66
C ARG A 404 0.26 16.68 -33.55
N GLN A 405 1.01 15.61 -33.43
CA GLN A 405 0.74 14.38 -34.15
C GLN A 405 0.77 13.23 -33.15
N LYS A 406 0.07 12.15 -33.48
CA LYS A 406 -0.21 11.16 -32.45
C LYS A 406 0.98 10.26 -32.15
N THR A 407 1.82 9.96 -33.13
CA THR A 407 2.96 9.07 -32.90
C THR A 407 4.15 9.91 -32.45
N MET A 408 4.71 9.55 -31.30
CA MET A 408 5.86 10.24 -30.74
C MET A 408 6.93 9.21 -30.45
N ASN A 409 8.16 9.52 -30.83
CA ASN A 409 9.31 8.67 -30.55
C ASN A 409 10.56 9.50 -30.74
N GLN A 410 11.71 8.89 -30.47
CA GLN A 410 12.97 9.63 -30.52
C GLN A 410 13.31 10.07 -31.93
N ASP A 411 13.03 9.23 -32.93
CA ASP A 411 13.32 9.61 -34.31
C ASP A 411 12.60 10.89 -34.68
N ARG A 412 11.31 10.98 -34.35
CA ARG A 412 10.55 12.17 -34.70
C ARG A 412 11.01 13.38 -33.89
N ALA A 413 11.29 13.18 -32.60
CA ALA A 413 11.75 14.28 -31.78
C ALA A 413 13.05 14.86 -32.31
N LEU A 414 13.97 13.99 -32.72
CA LEU A 414 15.26 14.46 -33.24
C LEU A 414 15.07 15.18 -34.56
N ALA A 415 14.17 14.68 -35.41
CA ALA A 415 13.90 15.35 -36.68
C ALA A 415 13.38 16.76 -36.46
N ILE A 416 12.48 16.93 -35.49
CA ILE A 416 11.98 18.25 -35.16
C ILE A 416 13.10 19.13 -34.65
N LEU A 417 13.90 18.60 -33.72
CA LEU A 417 14.99 19.38 -33.15
C LEU A 417 15.97 19.82 -34.24
N ASN A 418 16.37 18.89 -35.11
CA ASN A 418 17.36 19.24 -36.13
C ASN A 418 16.78 20.22 -37.15
N ASP A 419 15.49 20.09 -37.47
CA ASP A 419 14.83 21.05 -38.34
C ASP A 419 14.85 22.44 -37.73
N LEU A 420 14.67 22.52 -36.40
CA LEU A 420 14.72 23.81 -35.73
C LEU A 420 16.14 24.34 -35.57
N ARG A 421 17.13 23.46 -35.48
CA ARG A 421 18.54 23.90 -35.36
C ARG A 421 18.97 24.43 -36.75
N ARG B 13 15.70 23.45 -13.05
CA ARG B 13 15.61 22.55 -14.23
C ARG B 13 16.04 21.14 -13.80
N PHE B 14 15.68 20.77 -12.57
CA PHE B 14 16.03 19.47 -11.95
C PHE B 14 15.57 18.32 -12.83
N TYR B 15 14.43 18.45 -13.50
CA TYR B 15 13.89 17.37 -14.38
C TYR B 15 14.79 17.14 -15.59
N GLN B 16 15.59 18.13 -16.00
CA GLN B 16 16.51 18.04 -17.17
C GLN B 16 17.88 17.48 -16.75
N MET B 17 18.31 17.65 -15.55
N MET B 17 18.29 17.61 -15.55
CA MET B 17 19.65 17.21 -15.15
CA MET B 17 19.64 17.21 -15.19
C MET B 17 19.76 15.69 -15.24
C MET B 17 19.76 15.69 -15.21
N SER B 18 20.99 15.21 -15.34
CA SER B 18 21.22 13.78 -15.23
C SER B 18 21.12 13.39 -13.75
N PRO B 19 20.90 12.10 -13.46
CA PRO B 19 20.90 11.67 -12.05
C PRO B 19 22.17 12.07 -11.31
N GLU B 20 23.34 11.93 -11.95
CA GLU B 20 24.58 12.32 -11.28
C GLU B 20 24.60 13.82 -11.00
N GLU B 21 24.16 14.61 -11.97
CA GLU B 21 24.11 16.06 -11.77
C GLU B 21 23.12 16.41 -10.65
N ARG B 22 22.01 15.67 -10.57
CA ARG B 22 21.05 15.94 -9.50
C ARG B 22 21.67 15.71 -8.14
N LEU B 23 22.36 14.59 -7.96
CA LEU B 23 22.98 14.30 -6.67
C LEU B 23 24.11 15.28 -6.38
N ALA B 24 24.89 15.66 -7.40
CA ALA B 24 25.96 16.63 -7.17
C ALA B 24 25.39 17.97 -6.77
N SER B 25 24.25 18.37 -7.36
CA SER B 25 23.62 19.63 -7.00
C SER B 25 23.12 19.58 -5.56
N LEU B 26 22.49 18.48 -5.16
CA LEU B 26 21.99 18.37 -3.79
C LEU B 26 23.12 18.47 -2.78
N LEU B 27 24.24 17.81 -3.08
CA LEU B 27 25.41 17.92 -2.20
C LEU B 27 25.93 19.35 -2.17
N ASN B 28 26.08 19.97 -3.35
CA ASN B 28 26.63 21.31 -3.43
C ASN B 28 25.80 22.32 -2.67
N GLU B 29 24.48 22.13 -2.66
CA GLU B 29 23.58 23.05 -2.00
C GLU B 29 23.39 22.70 -0.52
N GLY B 30 24.10 21.68 -0.02
CA GLY B 30 24.02 21.31 1.37
C GLY B 30 22.75 20.58 1.76
N GLN B 31 22.02 20.01 0.80
CA GLN B 31 20.77 19.33 1.10
C GLN B 31 20.98 17.89 1.50
N ILE B 32 22.12 17.29 1.12
CA ILE B 32 22.47 15.95 1.54
C ILE B 32 23.95 15.95 1.92
N SER B 33 24.31 15.03 2.80
CA SER B 33 25.71 14.84 3.16
C SER B 33 26.43 14.02 2.09
N ALA B 34 27.77 14.04 2.17
CA ALA B 34 28.57 13.20 1.29
C ALA B 34 28.24 11.72 1.49
N ASP B 35 28.01 11.29 2.72
CA ASP B 35 27.66 9.90 2.97
C ASP B 35 26.31 9.53 2.36
N THR B 36 25.34 10.43 2.47
CA THR B 36 24.05 10.21 1.81
C THR B 36 24.19 10.12 0.31
N LYS B 37 25.02 11.00 -0.29
CA LYS B 37 25.23 10.90 -1.73
C LYS B 37 25.80 9.56 -2.11
N LYS B 38 26.79 9.07 -1.36
CA LYS B 38 27.38 7.78 -1.66
C LYS B 38 26.36 6.66 -1.54
N GLU B 39 25.51 6.72 -0.52
CA GLU B 39 24.48 5.70 -0.39
C GLU B 39 23.47 5.78 -1.53
N PHE B 40 23.07 6.99 -1.94
CA PHE B 40 22.17 7.10 -3.07
C PHE B 40 22.79 6.54 -4.35
N GLU B 41 24.12 6.59 -4.48
CA GLU B 41 24.83 6.05 -5.63
C GLU B 41 24.94 4.54 -5.61
N ASN B 42 24.71 3.92 -4.45
CA ASN B 42 24.83 2.48 -4.28
C ASN B 42 23.55 1.82 -4.78
N THR B 43 23.49 1.51 -6.06
CA THR B 43 22.26 1.05 -6.66
C THR B 43 22.51 -0.18 -7.53
N ALA B 44 21.47 -1.00 -7.66
CA ALA B 44 21.52 -2.21 -8.47
C ALA B 44 20.60 -2.16 -9.68
N LEU B 45 19.56 -1.32 -9.68
CA LEU B 45 18.74 -1.14 -10.87
C LEU B 45 19.46 -0.16 -11.80
N SER B 46 19.59 -0.57 -13.06
CA SER B 46 20.22 0.27 -14.06
C SER B 46 19.71 1.71 -14.01
N SER B 47 20.65 2.66 -14.02
CA SER B 47 20.28 4.07 -14.03
C SER B 47 19.44 4.41 -15.23
N GLN B 48 19.75 3.82 -16.38
CA GLN B 48 19.00 4.11 -17.60
C GLN B 48 17.54 3.70 -17.44
N ILE B 49 17.29 2.56 -16.80
CA ILE B 49 15.91 2.13 -16.58
C ILE B 49 15.23 3.05 -15.58
N ALA B 50 15.87 3.28 -14.44
CA ALA B 50 15.24 4.03 -13.37
C ALA B 50 14.94 5.46 -13.81
N ASN B 51 15.88 6.07 -14.53
CA ASN B 51 15.72 7.47 -14.93
C ASN B 51 14.65 7.64 -16.00
N HIS B 52 14.38 6.60 -16.76
CA HIS B 52 13.31 6.67 -17.76
C HIS B 52 11.94 6.35 -17.17
N MET B 53 11.90 5.66 -16.04
N MET B 53 11.87 5.64 -16.06
CA MET B 53 10.66 5.21 -15.45
CA MET B 53 10.58 5.23 -15.51
C MET B 53 9.92 6.33 -14.73
C MET B 53 9.89 6.37 -14.76
N ILE B 54 10.65 7.17 -14.02
CA ILE B 54 10.09 8.19 -13.14
C ILE B 54 10.78 9.52 -13.43
N GLU B 55 10.32 10.56 -12.78
CA GLU B 55 10.87 11.90 -12.96
C GLU B 55 11.74 12.28 -11.78
N ASN B 56 12.67 13.21 -12.02
CA ASN B 56 13.58 13.71 -11.00
C ASN B 56 14.33 12.57 -10.29
N GLN B 57 14.72 11.55 -11.04
CA GLN B 57 15.26 10.33 -10.45
C GLN B 57 16.65 10.54 -9.87
N ILE B 58 16.88 10.01 -8.67
CA ILE B 58 18.19 10.08 -8.04
C ILE B 58 18.72 8.74 -7.54
N SER B 59 17.85 7.80 -7.18
CA SER B 59 18.32 6.57 -6.54
C SER B 59 17.24 5.49 -6.64
N GLU B 60 17.23 4.60 -5.65
CA GLU B 60 16.22 3.56 -5.56
C GLU B 60 16.04 3.23 -4.09
N THR B 61 14.89 2.64 -3.76
CA THR B 61 14.65 1.99 -2.48
C THR B 61 14.82 0.50 -2.71
N GLU B 62 15.53 -0.17 -1.82
CA GLU B 62 15.68 -1.62 -1.89
C GLU B 62 14.80 -2.27 -0.82
N VAL B 63 13.91 -3.16 -1.23
CA VAL B 63 13.02 -3.87 -0.32
C VAL B 63 13.45 -5.34 -0.32
N PRO B 64 13.79 -5.92 0.83
CA PRO B 64 14.20 -7.32 0.83
C PRO B 64 13.15 -8.22 0.21
N MET B 65 13.62 -9.24 -0.51
CA MET B 65 12.75 -10.23 -1.13
C MET B 65 13.10 -11.63 -0.65
N GLY B 66 12.08 -12.37 -0.21
CA GLY B 66 12.25 -13.76 0.16
C GLY B 66 11.24 -14.65 -0.51
N VAL B 67 11.15 -15.91 -0.09
CA VAL B 67 10.31 -16.90 -0.74
C VAL B 67 9.31 -17.46 0.26
N GLY B 68 8.03 -17.26 -0.03
CA GLY B 68 7.00 -17.91 0.75
C GLY B 68 6.86 -19.37 0.29
N LEU B 69 6.79 -20.28 1.26
CA LEU B 69 6.82 -21.71 1.02
C LEU B 69 5.47 -22.34 1.31
N HIS B 70 5.28 -23.54 0.76
CA HIS B 70 4.20 -24.47 1.08
C HIS B 70 2.85 -24.14 0.46
N LEU B 71 2.75 -23.11 -0.37
CA LEU B 71 1.47 -22.77 -0.96
C LEU B 71 1.11 -23.72 -2.08
N THR B 72 -0.12 -24.22 -2.05
CA THR B 72 -0.70 -25.04 -3.10
C THR B 72 -2.05 -24.44 -3.44
N VAL B 73 -2.31 -24.24 -4.72
CA VAL B 73 -3.55 -23.66 -5.20
C VAL B 73 -4.10 -24.54 -6.32
N ASP B 74 -5.32 -25.07 -6.12
CA ASP B 74 -5.95 -25.99 -7.08
C ASP B 74 -4.99 -27.10 -7.47
N GLU B 75 -4.29 -27.62 -6.47
CA GLU B 75 -3.38 -28.76 -6.56
C GLU B 75 -2.06 -28.46 -7.26
N THR B 76 -1.76 -27.21 -7.60
CA THR B 76 -0.45 -26.82 -8.10
C THR B 76 0.36 -26.17 -6.99
N ASP B 77 1.60 -26.60 -6.84
CA ASP B 77 2.50 -26.03 -5.83
C ASP B 77 3.21 -24.80 -6.40
N TYR B 78 3.41 -23.80 -5.55
CA TYR B 78 4.07 -22.55 -5.93
C TYR B 78 5.17 -22.24 -4.93
N LEU B 79 6.14 -21.45 -5.39
CA LEU B 79 7.11 -20.74 -4.57
C LEU B 79 6.87 -19.26 -4.80
N VAL B 80 6.60 -18.51 -3.75
CA VAL B 80 6.01 -17.18 -3.87
C VAL B 80 7.06 -16.12 -3.59
N PRO B 81 7.42 -15.29 -4.56
CA PRO B 81 8.31 -14.16 -4.26
C PRO B 81 7.58 -13.10 -3.44
N MET B 82 8.22 -12.65 -2.36
CA MET B 82 7.59 -11.72 -1.44
C MET B 82 8.59 -10.64 -1.08
N ALA B 83 8.29 -9.38 -1.41
CA ALA B 83 9.14 -8.25 -1.08
C ALA B 83 8.50 -7.49 0.07
N THR B 84 9.19 -7.41 1.19
CA THR B 84 8.66 -6.73 2.37
C THR B 84 9.85 -6.29 3.22
N GLU B 85 9.62 -5.25 4.02
CA GLU B 85 10.56 -4.80 5.04
C GLU B 85 10.18 -5.28 6.44
N GLU B 86 9.06 -5.99 6.58
CA GLU B 86 8.52 -6.30 7.91
C GLU B 86 8.93 -7.70 8.34
N PRO B 87 9.57 -7.87 9.51
CA PRO B 87 9.90 -9.18 9.97
C PRO B 87 8.69 -10.08 10.18
N SER B 88 8.89 -11.35 9.95
CA SER B 88 7.92 -12.42 10.21
C SER B 88 6.87 -12.64 9.14
N VAL B 89 6.68 -11.68 8.24
CA VAL B 89 5.63 -11.83 7.23
C VAL B 89 5.81 -13.09 6.41
N ILE B 90 7.03 -13.32 5.89
CA ILE B 90 7.24 -14.43 4.97
C ILE B 90 7.18 -15.76 5.71
N ALA B 91 7.75 -15.83 6.92
CA ALA B 91 7.65 -17.07 7.67
C ALA B 91 6.21 -17.33 8.09
N ALA B 92 5.45 -16.28 8.38
CA ALA B 92 4.04 -16.47 8.73
C ALA B 92 3.25 -16.98 7.54
N LEU B 93 3.45 -16.43 6.35
CA LEU B 93 2.79 -16.94 5.17
C LEU B 93 3.10 -18.43 5.00
N SER B 94 4.38 -18.78 5.15
CA SER B 94 4.80 -20.16 4.97
C SER B 94 4.11 -21.09 5.98
N ASN B 95 3.99 -20.61 7.22
CA ASN B 95 3.33 -21.36 8.27
C ASN B 95 1.85 -21.55 7.98
N GLY B 96 1.17 -20.47 7.58
CA GLY B 96 -0.24 -20.61 7.26
C GLY B 96 -0.50 -21.49 6.07
N ALA B 97 0.36 -21.39 5.06
CA ALA B 97 0.22 -22.23 3.88
C ALA B 97 0.42 -23.68 4.24
N LYS B 98 1.40 -23.96 5.10
CA LYS B 98 1.66 -25.33 5.49
C LYS B 98 0.50 -25.93 6.29
N ILE B 99 -0.07 -25.16 7.23
CA ILE B 99 -1.23 -25.63 7.97
C ILE B 99 -2.38 -25.90 7.02
N ALA B 100 -2.64 -24.97 6.08
CA ALA B 100 -3.80 -25.07 5.22
C ALA B 100 -3.68 -26.23 4.24
N GLN B 101 -2.47 -26.51 3.77
CA GLN B 101 -2.12 -27.58 2.84
C GLN B 101 -2.48 -27.26 1.39
N GLY B 102 -3.54 -26.50 1.16
CA GLY B 102 -3.96 -26.18 -0.18
C GLY B 102 -5.21 -25.32 -0.16
N PHE B 103 -5.39 -24.59 -1.25
CA PHE B 103 -6.48 -23.64 -1.46
C PHE B 103 -7.18 -23.99 -2.75
N LYS B 104 -8.46 -23.65 -2.84
CA LYS B 104 -9.28 -23.98 -3.99
C LYS B 104 -10.00 -22.73 -4.46
N THR B 105 -10.09 -22.57 -5.77
CA THR B 105 -10.83 -21.45 -6.33
C THR B 105 -12.33 -21.67 -6.23
N VAL B 106 -13.04 -20.68 -5.71
CA VAL B 106 -14.51 -20.70 -5.64
C VAL B 106 -15.12 -20.00 -6.85
N ASN B 107 -14.67 -18.79 -7.16
CA ASN B 107 -15.17 -18.05 -8.32
C ASN B 107 -14.11 -17.03 -8.71
N GLN B 108 -14.20 -16.56 -9.95
CA GLN B 108 -13.30 -15.54 -10.45
C GLN B 108 -13.92 -14.87 -11.67
N GLN B 109 -13.73 -13.55 -11.76
CA GLN B 109 -14.06 -12.77 -12.93
C GLN B 109 -12.82 -11.93 -13.24
N ARG B 110 -12.68 -11.47 -14.48
CA ARG B 110 -11.57 -10.59 -14.81
C ARG B 110 -11.94 -9.61 -15.91
N LEU B 111 -12.46 -8.44 -15.51
CA LEU B 111 -12.70 -7.29 -16.41
C LEU B 111 -12.26 -6.04 -15.65
N MET B 112 -11.80 -5.02 -16.34
CA MET B 112 -11.33 -3.77 -15.75
C MET B 112 -12.43 -2.74 -15.95
N ARG B 113 -12.42 -1.65 -15.19
N ARG B 113 -12.44 -1.66 -15.17
CA ARG B 113 -13.52 -0.66 -15.25
CA ARG B 113 -13.51 -0.67 -15.27
C ARG B 113 -13.03 0.73 -15.62
C ARG B 113 -13.03 0.73 -15.62
N GLY B 114 -13.74 1.42 -16.44
CA GLY B 114 -13.51 2.86 -16.55
C GLY B 114 -14.81 3.65 -16.58
N GLN B 115 -14.74 4.96 -16.60
CA GLN B 115 -15.95 5.76 -16.63
C GLN B 115 -15.75 7.06 -17.39
N ILE B 116 -16.82 7.49 -18.09
CA ILE B 116 -16.96 8.85 -18.60
C ILE B 116 -18.10 9.47 -17.82
N VAL B 117 -17.84 10.59 -17.15
CA VAL B 117 -18.80 11.22 -16.26
C VAL B 117 -19.21 12.55 -16.86
N PHE B 118 -20.50 12.67 -17.13
CA PHE B 118 -21.12 13.92 -17.56
C PHE B 118 -21.62 14.69 -16.34
N TYR B 119 -21.62 16.01 -16.45
CA TYR B 119 -22.16 16.86 -15.39
C TYR B 119 -23.13 17.88 -15.94
N ASP B 120 -23.90 18.48 -15.02
CA ASP B 120 -24.91 19.48 -15.36
C ASP B 120 -25.88 18.95 -16.40
N VAL B 121 -26.26 17.68 -16.25
CA VAL B 121 -27.14 17.01 -17.18
C VAL B 121 -28.57 17.34 -16.79
N ALA B 122 -29.27 18.06 -17.67
CA ALA B 122 -30.64 18.48 -17.37
C ALA B 122 -31.58 17.28 -17.26
N ASP B 123 -31.43 16.30 -18.14
CA ASP B 123 -32.32 15.14 -18.21
C ASP B 123 -31.50 13.89 -18.38
N PRO B 124 -31.10 13.24 -17.28
CA PRO B 124 -30.25 12.04 -17.42
C PRO B 124 -30.90 10.94 -18.23
N GLU B 125 -32.21 10.75 -18.08
CA GLU B 125 -32.90 9.70 -18.81
C GLU B 125 -32.77 9.89 -20.32
N SER B 126 -32.95 11.12 -20.78
CA SER B 126 -32.82 11.40 -22.21
C SER B 126 -31.39 11.16 -22.68
N LEU B 127 -30.39 11.58 -21.89
CA LEU B 127 -29.01 11.34 -22.30
C LEU B 127 -28.71 9.86 -22.41
N ILE B 128 -29.15 9.07 -21.43
CA ILE B 128 -28.92 7.63 -21.46
C ILE B 128 -29.60 7.00 -22.67
N ASP B 129 -30.81 7.45 -23.01
CA ASP B 129 -31.48 6.94 -24.21
C ASP B 129 -30.66 7.21 -25.46
N LYS B 130 -30.06 8.40 -25.56
CA LYS B 130 -29.31 8.74 -26.76
C LYS B 130 -28.01 7.95 -26.84
N LEU B 131 -27.38 7.67 -25.70
CA LEU B 131 -26.19 6.83 -25.71
C LEU B 131 -26.52 5.38 -26.03
N GLN B 132 -27.61 4.86 -25.44
CA GLN B 132 -27.88 3.43 -25.56
C GLN B 132 -28.23 3.03 -27.00
N VAL B 133 -28.91 3.91 -27.75
CA VAL B 133 -29.21 3.55 -29.14
C VAL B 133 -27.99 3.62 -30.04
N ARG B 134 -26.87 4.14 -29.53
CA ARG B 134 -25.64 4.30 -30.28
C ARG B 134 -24.54 3.37 -29.79
N GLU B 135 -24.90 2.27 -29.15
CA GLU B 135 -23.86 1.40 -28.58
C GLU B 135 -22.98 0.78 -29.66
N ALA B 136 -23.55 0.42 -30.81
CA ALA B 136 -22.71 -0.15 -31.87
C ALA B 136 -21.61 0.81 -32.24
N GLU B 137 -21.92 2.10 -32.34
CA GLU B 137 -20.92 3.11 -32.67
C GLU B 137 -19.92 3.30 -31.54
N ILE B 138 -20.36 3.16 -30.29
CA ILE B 138 -19.45 3.26 -29.15
C ILE B 138 -18.46 2.11 -29.18
N PHE B 139 -18.95 0.92 -29.55
CA PHE B 139 -18.17 -0.35 -29.66
C PHE B 139 -17.18 -0.25 -30.83
N GLN B 140 -17.62 0.32 -31.96
CA GLN B 140 -16.81 0.50 -33.19
C GLN B 140 -15.61 1.41 -32.86
N GLN B 141 -15.90 2.59 -32.30
CA GLN B 141 -14.89 3.61 -31.86
C GLN B 141 -14.06 3.13 -30.66
N ALA B 142 -14.62 2.28 -29.78
CA ALA B 142 -13.65 1.93 -28.64
C ALA B 142 -12.52 1.09 -29.25
N GLU B 143 -12.85 0.26 -30.24
CA GLU B 143 -11.86 -0.52 -30.96
C GLU B 143 -10.86 0.38 -31.68
N LEU B 144 -11.34 1.40 -32.38
CA LEU B 144 -10.45 2.28 -33.13
C LEU B 144 -9.47 2.99 -32.22
N SER B 145 -9.88 3.28 -30.98
CA SER B 145 -9.02 4.02 -30.06
C SER B 145 -7.93 3.15 -29.43
N TYR B 146 -8.05 1.82 -29.50
CA TYR B 146 -7.00 0.90 -29.07
C TYR B 146 -7.15 -0.46 -29.75
N PRO B 147 -6.78 -0.56 -31.04
CA PRO B 147 -7.12 -1.80 -31.77
C PRO B 147 -6.35 -3.03 -31.33
N SER B 148 -5.15 -2.90 -30.77
CA SER B 148 -4.35 -4.08 -30.45
C SER B 148 -5.07 -5.01 -29.47
N ILE B 149 -5.79 -4.46 -28.51
CA ILE B 149 -6.42 -5.33 -27.51
C ILE B 149 -7.52 -6.16 -28.15
N VAL B 150 -8.24 -5.61 -29.13
CA VAL B 150 -9.26 -6.41 -29.82
C VAL B 150 -8.60 -7.51 -30.65
N LYS B 151 -7.50 -7.20 -31.31
CA LYS B 151 -6.74 -8.19 -32.13
C LYS B 151 -6.32 -9.35 -31.22
N ARG B 152 -5.98 -9.08 -29.97
CA ARG B 152 -5.57 -10.09 -29.00
C ARG B 152 -6.73 -10.80 -28.33
N GLY B 153 -7.97 -10.50 -28.73
CA GLY B 153 -9.13 -11.18 -28.19
C GLY B 153 -9.78 -10.51 -27.00
N GLY B 154 -9.33 -9.33 -26.63
CA GLY B 154 -9.93 -8.56 -25.56
C GLY B 154 -10.75 -7.41 -26.07
N GLY B 155 -10.94 -6.41 -25.22
CA GLY B 155 -11.61 -5.18 -25.57
C GLY B 155 -12.85 -4.94 -24.76
N LEU B 156 -13.59 -3.91 -25.16
CA LEU B 156 -14.81 -3.54 -24.46
C LEU B 156 -15.82 -4.69 -24.48
N ARG B 157 -16.38 -4.98 -23.32
CA ARG B 157 -17.36 -6.05 -23.18
C ARG B 157 -18.75 -5.56 -22.82
N ASP B 158 -18.88 -4.48 -22.06
CA ASP B 158 -20.19 -4.06 -21.58
C ASP B 158 -20.16 -2.56 -21.29
N LEU B 159 -21.31 -1.92 -21.48
CA LEU B 159 -21.56 -0.54 -21.09
C LEU B 159 -22.70 -0.53 -20.09
N GLN B 160 -22.53 0.18 -19.00
CA GLN B 160 -23.55 0.38 -17.98
C GLN B 160 -23.71 1.89 -17.75
N TYR B 161 -24.85 2.28 -17.19
CA TYR B 161 -25.20 3.68 -17.06
C TYR B 161 -25.79 3.93 -15.70
N ARG B 162 -25.30 4.99 -15.03
CA ARG B 162 -25.78 5.37 -13.71
C ARG B 162 -26.02 6.87 -13.67
N ALA B 163 -27.15 7.27 -13.11
CA ALA B 163 -27.47 8.67 -12.89
C ALA B 163 -27.39 8.96 -11.40
N PHE B 164 -27.03 10.18 -11.06
CA PHE B 164 -26.89 10.56 -9.67
C PHE B 164 -27.68 11.82 -9.38
N ASP B 165 -27.87 12.06 -8.08
CA ASP B 165 -28.28 13.37 -7.59
C ASP B 165 -27.27 14.37 -8.11
N GLU B 166 -27.66 15.64 -8.20
CA GLU B 166 -26.75 16.71 -8.58
C GLU B 166 -26.34 16.63 -10.04
N SER B 167 -27.10 15.90 -10.85
CA SER B 167 -27.11 16.08 -12.31
C SER B 167 -25.91 15.43 -13.00
N PHE B 168 -25.40 14.33 -12.46
CA PHE B 168 -24.29 13.61 -13.05
C PHE B 168 -24.79 12.32 -13.70
N VAL B 169 -24.11 11.89 -14.77
CA VAL B 169 -24.32 10.59 -15.38
C VAL B 169 -22.96 9.94 -15.60
N SER B 170 -22.80 8.69 -15.14
CA SER B 170 -21.59 7.92 -15.40
C SER B 170 -21.89 6.87 -16.45
N VAL B 171 -21.12 6.88 -17.53
CA VAL B 171 -21.08 5.79 -18.48
C VAL B 171 -19.93 4.87 -18.08
N ASP B 172 -20.27 3.63 -17.70
CA ASP B 172 -19.31 2.67 -17.15
C ASP B 172 -18.90 1.70 -18.25
N PHE B 173 -17.59 1.53 -18.41
CA PHE B 173 -17.01 0.67 -19.43
C PHE B 173 -16.39 -0.53 -18.73
N LEU B 174 -16.77 -1.74 -19.14
CA LEU B 174 -16.19 -2.96 -18.61
C LEU B 174 -15.37 -3.59 -19.72
N VAL B 175 -14.07 -3.77 -19.49
CA VAL B 175 -13.10 -4.03 -20.55
C VAL B 175 -12.27 -5.25 -20.21
N ASP B 176 -12.10 -6.15 -21.19
CA ASP B 176 -11.17 -7.28 -21.06
C ASP B 176 -9.79 -6.79 -21.49
N VAL B 177 -8.88 -6.64 -20.53
CA VAL B 177 -7.54 -6.14 -20.80
C VAL B 177 -6.51 -7.25 -20.85
N LYS B 178 -6.96 -8.51 -20.92
CA LYS B 178 -6.08 -9.68 -20.98
C LYS B 178 -5.09 -9.61 -19.82
N ASP B 179 -3.79 -9.72 -20.06
CA ASP B 179 -2.84 -9.89 -18.96
C ASP B 179 -2.27 -8.59 -18.41
N ALA B 180 -2.71 -7.44 -18.91
CA ALA B 180 -2.27 -6.15 -18.38
C ALA B 180 -3.16 -5.71 -17.24
N MET B 181 -2.65 -4.77 -16.43
N MET B 181 -2.65 -4.77 -16.43
CA MET B 181 -3.52 -4.14 -15.44
CA MET B 181 -3.53 -4.15 -15.44
C MET B 181 -4.62 -3.36 -16.15
C MET B 181 -4.63 -3.34 -16.14
N GLY B 182 -4.29 -2.69 -17.25
CA GLY B 182 -5.28 -2.11 -18.14
C GLY B 182 -5.37 -0.62 -18.15
N ALA B 183 -4.53 0.10 -17.43
CA ALA B 183 -4.69 1.55 -17.33
C ALA B 183 -4.55 2.20 -18.70
N ASN B 184 -3.53 1.84 -19.45
CA ASN B 184 -3.27 2.46 -20.77
C ASN B 184 -4.40 2.09 -21.74
N ILE B 185 -4.83 0.84 -21.77
CA ILE B 185 -5.91 0.44 -22.65
C ILE B 185 -7.17 1.21 -22.32
N VAL B 186 -7.57 1.17 -21.05
CA VAL B 186 -8.86 1.75 -20.67
C VAL B 186 -8.84 3.25 -20.87
N ASN B 187 -7.76 3.91 -20.44
CA ASN B 187 -7.71 5.36 -20.54
C ASN B 187 -7.72 5.82 -22.00
N ALA B 188 -7.05 5.08 -22.87
CA ALA B 188 -7.06 5.44 -24.29
C ALA B 188 -8.43 5.26 -24.89
N MET B 189 -9.09 4.15 -24.56
N MET B 189 -9.10 4.15 -24.55
CA MET B 189 -10.43 3.90 -25.06
CA MET B 189 -10.44 3.90 -25.07
C MET B 189 -11.39 4.99 -24.59
C MET B 189 -11.42 4.97 -24.59
N LEU B 190 -11.33 5.34 -23.31
CA LEU B 190 -12.24 6.35 -22.78
C LEU B 190 -12.01 7.70 -23.45
N GLU B 191 -10.75 8.07 -23.67
CA GLU B 191 -10.45 9.35 -24.29
C GLU B 191 -11.03 9.41 -25.70
N GLY B 192 -10.88 8.33 -26.45
CA GLY B 192 -11.39 8.31 -27.82
C GLY B 192 -12.91 8.35 -27.86
N VAL B 193 -13.56 7.59 -26.98
CA VAL B 193 -15.02 7.63 -26.94
C VAL B 193 -15.51 8.99 -26.48
N ALA B 194 -14.85 9.61 -25.51
CA ALA B 194 -15.27 10.92 -25.06
C ALA B 194 -15.22 11.93 -26.21
N GLU B 195 -14.21 11.81 -27.08
CA GLU B 195 -14.14 12.70 -28.25
C GLU B 195 -15.37 12.53 -29.12
N LEU B 196 -15.80 11.29 -29.33
CA LEU B 196 -17.00 11.03 -30.11
C LEU B 196 -18.24 11.59 -29.42
N PHE B 197 -18.35 11.38 -28.11
CA PHE B 197 -19.46 11.96 -27.36
C PHE B 197 -19.54 13.47 -27.56
N ARG B 198 -18.39 14.16 -27.54
CA ARG B 198 -18.40 15.61 -27.69
C ARG B 198 -18.91 16.01 -29.07
N GLU B 199 -18.60 15.22 -30.09
CA GLU B 199 -19.13 15.50 -31.43
C GLU B 199 -20.64 15.30 -31.47
N TRP B 200 -21.13 14.31 -30.74
CA TRP B 200 -22.54 13.93 -30.81
C TRP B 200 -23.41 14.87 -30.00
N PHE B 201 -22.96 15.30 -28.82
CA PHE B 201 -23.80 16.01 -27.85
C PHE B 201 -23.19 17.36 -27.52
N ALA B 202 -23.43 18.35 -28.38
CA ALA B 202 -22.81 19.65 -28.20
C ALA B 202 -23.29 20.38 -26.94
N GLU B 203 -24.48 20.06 -26.44
CA GLU B 203 -25.00 20.72 -25.24
C GLU B 203 -24.72 19.95 -23.97
N GLN B 204 -24.14 18.76 -24.06
CA GLN B 204 -23.74 18.05 -22.86
C GLN B 204 -22.30 18.38 -22.54
N LYS B 205 -21.92 18.15 -21.28
CA LYS B 205 -20.58 18.47 -20.81
C LYS B 205 -20.01 17.25 -20.10
N ILE B 206 -18.80 16.86 -20.51
CA ILE B 206 -18.09 15.77 -19.87
C ILE B 206 -17.17 16.36 -18.81
N LEU B 207 -17.28 15.89 -17.57
CA LEU B 207 -16.44 16.35 -16.47
C LEU B 207 -15.08 15.66 -16.54
N PHE B 208 -15.00 14.35 -16.80
CA PHE B 208 -13.73 13.64 -16.91
C PHE B 208 -14.00 12.26 -17.49
N SER B 209 -12.92 11.63 -17.96
N SER B 209 -12.95 11.67 -18.07
CA SER B 209 -12.94 10.29 -18.54
CA SER B 209 -12.94 10.29 -18.50
C SER B 209 -11.68 9.55 -18.06
C SER B 209 -11.69 9.67 -17.90
N ILE B 210 -11.85 8.56 -17.19
CA ILE B 210 -10.71 7.93 -16.53
C ILE B 210 -11.09 6.53 -16.07
N LEU B 211 -10.08 5.68 -15.94
CA LEU B 211 -10.30 4.34 -15.36
C LEU B 211 -10.76 4.44 -13.93
N SER B 212 -11.37 3.38 -13.46
CA SER B 212 -11.64 3.22 -12.04
C SER B 212 -10.73 2.12 -11.48
N ASN B 213 -10.10 2.39 -10.35
CA ASN B 213 -9.32 1.35 -9.70
C ASN B 213 -10.18 0.41 -8.86
N TYR B 214 -11.49 0.66 -8.75
CA TYR B 214 -12.36 -0.21 -7.97
C TYR B 214 -12.83 -1.35 -8.88
N ALA B 215 -11.98 -2.38 -8.98
CA ALA B 215 -12.11 -3.42 -10.01
C ALA B 215 -13.05 -4.51 -9.52
N THR B 216 -14.32 -4.15 -9.37
CA THR B 216 -15.28 -5.10 -8.82
C THR B 216 -15.62 -6.23 -9.79
N GLU B 217 -15.19 -6.15 -11.04
CA GLU B 217 -15.33 -7.27 -11.98
C GLU B 217 -14.04 -8.07 -12.10
N SER B 218 -13.10 -7.87 -11.18
CA SER B 218 -11.90 -8.70 -11.07
C SER B 218 -11.80 -9.40 -9.72
N VAL B 219 -12.94 -9.67 -9.10
CA VAL B 219 -12.96 -10.35 -7.81
C VAL B 219 -12.63 -11.83 -7.98
N VAL B 220 -11.81 -12.33 -7.07
CA VAL B 220 -11.54 -13.76 -6.93
C VAL B 220 -11.85 -14.19 -5.52
N THR B 221 -12.48 -15.35 -5.40
CA THR B 221 -12.85 -15.94 -4.13
C THR B 221 -12.12 -17.27 -4.02
N MET B 222 -11.37 -17.45 -2.94
N MET B 222 -11.39 -17.45 -2.93
CA MET B 222 -10.62 -18.67 -2.70
CA MET B 222 -10.62 -18.64 -2.64
C MET B 222 -10.99 -19.22 -1.33
C MET B 222 -11.15 -19.26 -1.36
N LYS B 223 -10.86 -20.54 -1.15
CA LYS B 223 -11.21 -21.18 0.11
C LYS B 223 -10.21 -22.24 0.53
N THR B 224 -10.23 -22.61 1.80
CA THR B 224 -9.47 -23.71 2.35
C THR B 224 -10.30 -24.41 3.42
N ALA B 225 -10.04 -25.70 3.63
CA ALA B 225 -10.74 -26.51 4.63
C ALA B 225 -9.69 -27.31 5.38
N ILE B 226 -9.60 -27.13 6.68
CA ILE B 226 -8.46 -27.56 7.48
C ILE B 226 -8.93 -28.47 8.61
N PRO B 227 -8.54 -29.74 8.63
CA PRO B 227 -8.82 -30.56 9.82
C PRO B 227 -8.29 -29.86 11.06
N VAL B 228 -9.12 -29.77 12.10
CA VAL B 228 -8.77 -28.90 13.22
C VAL B 228 -7.54 -29.36 13.97
N SER B 229 -7.17 -30.65 13.89
CA SER B 229 -5.97 -31.08 14.61
C SER B 229 -4.74 -30.35 14.13
N ARG B 230 -4.76 -29.81 12.91
CA ARG B 230 -3.59 -29.14 12.36
C ARG B 230 -3.32 -27.76 12.97
N LEU B 231 -4.20 -27.28 13.83
CA LEU B 231 -4.09 -25.93 14.36
C LEU B 231 -3.29 -25.87 15.67
N SER B 232 -2.85 -27.01 16.18
CA SER B 232 -2.03 -27.07 17.38
C SER B 232 -1.12 -28.27 17.29
N LYS B 233 0.06 -28.17 17.92
CA LYS B 233 0.94 -29.32 18.09
C LYS B 233 0.48 -30.20 19.25
N GLY B 234 -0.40 -29.68 20.10
CA GLY B 234 -1.03 -30.44 21.15
C GLY B 234 -2.35 -31.03 20.70
N SER B 235 -3.18 -31.34 21.68
CA SER B 235 -4.45 -32.01 21.46
C SER B 235 -5.63 -31.05 21.37
N ASN B 236 -5.37 -29.74 21.37
CA ASN B 236 -6.42 -28.74 21.49
C ASN B 236 -6.68 -27.99 20.18
N GLY B 237 -6.45 -28.64 19.04
CA GLY B 237 -6.67 -27.97 17.76
C GLY B 237 -8.08 -27.44 17.61
N ARG B 238 -9.08 -28.17 18.08
CA ARG B 238 -10.45 -27.70 17.93
C ARG B 238 -10.68 -26.43 18.74
N GLU B 239 -10.14 -26.38 19.97
N GLU B 239 -10.09 -26.34 19.93
CA GLU B 239 -10.19 -25.16 20.77
CA GLU B 239 -10.25 -25.13 20.74
C GLU B 239 -9.65 -23.98 19.98
C GLU B 239 -9.55 -23.93 20.11
N ILE B 240 -8.44 -24.15 19.41
CA ILE B 240 -7.82 -23.08 18.64
C ILE B 240 -8.71 -22.67 17.47
N ALA B 241 -9.29 -23.66 16.78
CA ALA B 241 -10.17 -23.35 15.65
C ALA B 241 -11.36 -22.51 16.10
N GLU B 242 -11.95 -22.85 17.25
CA GLU B 242 -13.07 -22.09 17.77
C GLU B 242 -12.68 -20.64 18.00
N LYS B 243 -11.52 -20.43 18.59
CA LYS B 243 -11.04 -19.07 18.88
C LYS B 243 -10.72 -18.34 17.56
N ILE B 244 -10.18 -18.98 16.52
CA ILE B 244 -9.97 -18.33 15.23
C ILE B 244 -11.30 -17.85 14.67
N VAL B 245 -12.33 -18.69 14.73
CA VAL B 245 -13.64 -18.30 14.24
C VAL B 245 -14.15 -17.07 14.99
N LEU B 246 -13.97 -17.04 16.32
CA LEU B 246 -14.43 -15.88 17.07
C LEU B 246 -13.61 -14.64 16.75
N ALA B 247 -12.30 -14.77 16.58
CA ALA B 247 -11.49 -13.60 16.22
C ALA B 247 -11.88 -13.05 14.87
N SER B 248 -12.18 -13.92 13.92
CA SER B 248 -12.63 -13.46 12.61
C SER B 248 -13.98 -12.79 12.71
N ARG B 249 -14.91 -13.37 13.48
N ARG B 249 -14.91 -13.37 13.48
CA ARG B 249 -16.21 -12.75 13.69
CA ARG B 249 -16.22 -12.76 13.70
C ARG B 249 -16.07 -11.39 14.34
C ARG B 249 -16.06 -11.38 14.33
N TYR B 250 -15.11 -11.24 15.26
CA TYR B 250 -14.91 -9.97 15.93
C TYR B 250 -14.56 -8.87 14.94
N ALA B 251 -13.85 -9.19 13.86
CA ALA B 251 -13.57 -8.19 12.84
C ALA B 251 -14.83 -7.69 12.16
N SER B 252 -15.94 -8.44 12.19
CA SER B 252 -17.20 -7.95 11.65
C SER B 252 -17.90 -6.98 12.60
N LEU B 253 -17.45 -6.91 13.85
CA LEU B 253 -18.08 -6.09 14.86
C LEU B 253 -17.31 -4.81 15.12
N ASP B 254 -15.97 -4.87 15.12
CA ASP B 254 -15.11 -3.76 15.55
C ASP B 254 -14.18 -3.34 14.43
N PRO B 255 -14.38 -2.18 13.80
N PRO B 255 -14.36 -2.15 13.84
CA PRO B 255 -13.46 -1.76 12.73
CA PRO B 255 -13.46 -1.74 12.75
C PRO B 255 -12.02 -1.63 13.18
C PRO B 255 -12.02 -1.61 13.18
N TYR B 256 -11.77 -1.34 14.46
CA TYR B 256 -10.39 -1.27 14.94
C TYR B 256 -9.67 -2.60 14.79
N ARG B 257 -10.41 -3.70 14.90
CA ARG B 257 -9.83 -5.00 14.58
C ARG B 257 -9.84 -5.27 13.08
N ALA B 258 -10.94 -4.94 12.39
CA ALA B 258 -11.02 -5.24 10.96
C ALA B 258 -9.86 -4.61 10.18
N VAL B 259 -9.51 -3.37 10.50
CA VAL B 259 -8.42 -2.72 9.78
C VAL B 259 -7.13 -3.50 9.93
N THR B 260 -6.82 -3.95 11.15
CA THR B 260 -5.59 -4.68 11.44
C THR B 260 -5.62 -6.06 10.79
N HIS B 261 -6.76 -6.74 10.88
CA HIS B 261 -6.99 -8.02 10.20
C HIS B 261 -6.69 -7.90 8.72
N ASN B 262 -7.23 -6.89 8.08
CA ASN B 262 -6.98 -6.71 6.65
C ASN B 262 -5.56 -6.24 6.36
N LYS B 263 -4.99 -5.43 7.25
CA LYS B 263 -3.58 -5.04 7.10
C LYS B 263 -2.70 -6.28 7.09
N GLY B 264 -2.98 -7.22 7.96
CA GLY B 264 -2.22 -8.47 7.95
C GLY B 264 -2.34 -9.21 6.64
N ILE B 265 -3.56 -9.34 6.12
CA ILE B 265 -3.77 -9.92 4.80
C ILE B 265 -2.92 -9.20 3.76
N MET B 266 -2.94 -7.88 3.79
CA MET B 266 -2.20 -7.11 2.80
C MET B 266 -0.69 -7.17 2.99
N ASN B 267 -0.19 -7.51 4.18
CA ASN B 267 1.24 -7.75 4.28
C ASN B 267 1.67 -8.84 3.30
N GLY B 268 0.85 -9.87 3.17
CA GLY B 268 1.15 -10.93 2.25
C GLY B 268 0.81 -10.57 0.82
N ILE B 269 -0.39 -10.03 0.59
CA ILE B 269 -0.78 -9.68 -0.77
C ILE B 269 0.16 -8.64 -1.36
N GLU B 270 0.42 -7.57 -0.61
CA GLU B 270 1.26 -6.49 -1.14
C GLU B 270 2.67 -6.98 -1.41
N ALA B 271 3.16 -7.91 -0.61
CA ALA B 271 4.51 -8.42 -0.82
C ALA B 271 4.67 -9.09 -2.18
N VAL B 272 3.66 -9.84 -2.60
CA VAL B 272 3.72 -10.49 -3.90
C VAL B 272 3.47 -9.50 -5.02
N VAL B 273 2.53 -8.59 -4.80
CA VAL B 273 2.25 -7.55 -5.79
C VAL B 273 3.50 -6.74 -6.06
N LEU B 274 4.20 -6.33 -4.99
CA LEU B 274 5.43 -5.58 -5.17
C LEU B 274 6.51 -6.40 -5.86
N ALA B 275 6.71 -7.64 -5.42
CA ALA B 275 7.79 -8.45 -5.99
C ALA B 275 7.59 -8.70 -7.48
N THR B 276 6.34 -8.80 -7.94
CA THR B 276 6.03 -9.06 -9.34
C THR B 276 5.89 -7.81 -10.17
N GLY B 277 6.19 -6.63 -9.63
CA GLY B 277 6.16 -5.41 -10.42
C GLY B 277 4.79 -4.83 -10.64
N ASN B 278 3.81 -5.22 -9.84
CA ASN B 278 2.46 -4.69 -9.91
C ASN B 278 2.31 -3.45 -9.06
N ASP B 279 1.23 -2.73 -9.32
CA ASP B 279 0.91 -1.45 -8.69
C ASP B 279 0.30 -1.70 -7.31
N THR B 280 1.04 -1.36 -6.26
CA THR B 280 0.59 -1.66 -4.91
C THR B 280 -0.52 -0.73 -4.45
N ARG B 281 -0.56 0.51 -4.94
CA ARG B 281 -1.63 1.41 -4.52
C ARG B 281 -2.96 0.94 -5.07
N ALA B 282 -2.97 0.42 -6.29
CA ALA B 282 -4.22 0.01 -6.91
C ALA B 282 -4.82 -1.16 -6.17
N VAL B 283 -4.00 -2.14 -5.81
CA VAL B 283 -4.48 -3.30 -5.08
C VAL B 283 -4.95 -2.89 -3.68
N SER B 284 -4.22 -2.01 -3.01
CA SER B 284 -4.61 -1.58 -1.67
CA SER B 284 -4.64 -1.61 -1.67
C SER B 284 -5.96 -0.86 -1.72
N ALA B 285 -6.12 0.03 -2.69
CA ALA B 285 -7.35 0.81 -2.77
C ALA B 285 -8.54 -0.10 -3.06
N SER B 286 -8.40 -1.00 -4.03
CA SER B 286 -9.52 -1.87 -4.38
C SER B 286 -9.87 -2.81 -3.24
N CYS B 287 -8.86 -3.40 -2.58
CA CYS B 287 -9.14 -4.35 -1.51
C CYS B 287 -9.75 -3.68 -0.29
N HIS B 288 -9.21 -2.54 0.13
CA HIS B 288 -9.79 -1.89 1.31
C HIS B 288 -11.18 -1.34 1.04
N ALA B 289 -11.44 -0.82 -0.16
CA ALA B 289 -12.79 -0.38 -0.46
C ALA B 289 -13.76 -1.56 -0.47
N PHE B 290 -13.31 -2.70 -0.98
CA PHE B 290 -14.18 -3.88 -1.04
C PHE B 290 -14.51 -4.41 0.33
N ALA B 291 -13.71 -4.06 1.35
CA ALA B 291 -13.98 -4.47 2.71
C ALA B 291 -15.24 -3.83 3.28
N VAL B 292 -15.74 -2.78 2.66
CA VAL B 292 -16.94 -2.11 3.15
C VAL B 292 -18.16 -2.90 2.68
N LYS B 293 -18.89 -3.47 3.63
CA LYS B 293 -20.06 -4.29 3.37
C LYS B 293 -21.17 -3.83 4.31
N GLU B 294 -22.35 -3.62 3.75
CA GLU B 294 -23.50 -3.11 4.51
C GLU B 294 -23.14 -1.86 5.32
N GLY B 295 -22.35 -0.99 4.71
CA GLY B 295 -22.02 0.29 5.30
C GLY B 295 -20.97 0.28 6.38
N ARG B 296 -20.28 -0.85 6.57
CA ARG B 296 -19.28 -0.97 7.63
C ARG B 296 -18.01 -1.61 7.08
N TYR B 297 -16.87 -1.07 7.50
CA TYR B 297 -15.58 -1.66 7.15
C TYR B 297 -15.40 -2.94 7.96
N GLN B 298 -15.27 -4.08 7.28
CA GLN B 298 -15.18 -5.39 7.93
C GLN B 298 -14.02 -6.18 7.34
N GLY B 299 -13.83 -7.40 7.85
CA GLY B 299 -12.75 -8.24 7.35
C GLY B 299 -13.01 -8.75 5.95
N LEU B 300 -11.92 -9.01 5.22
CA LEU B 300 -11.99 -9.53 3.87
C LEU B 300 -12.08 -11.04 3.80
N THR B 301 -12.05 -11.71 4.95
CA THR B 301 -12.13 -13.16 5.02
C THR B 301 -13.23 -13.55 5.98
N SER B 302 -13.64 -14.82 5.90
CA SER B 302 -14.56 -15.44 6.84
C SER B 302 -13.97 -16.78 7.25
N TRP B 303 -14.15 -17.13 8.51
CA TRP B 303 -13.71 -18.40 9.08
C TRP B 303 -14.88 -18.99 9.84
N THR B 304 -15.20 -20.24 9.55
CA THR B 304 -16.27 -20.95 10.23
C THR B 304 -15.81 -22.37 10.50
N LEU B 305 -16.57 -23.09 11.32
CA LEU B 305 -16.38 -24.51 11.49
C LEU B 305 -17.49 -25.28 10.78
N ASP B 306 -17.11 -26.40 10.17
CA ASP B 306 -18.06 -27.26 9.48
C ASP B 306 -17.40 -28.63 9.33
N GLY B 307 -18.06 -29.67 9.82
CA GLY B 307 -17.53 -31.02 9.66
C GLY B 307 -16.17 -31.24 10.28
N GLU B 308 -15.94 -30.70 11.48
CA GLU B 308 -14.65 -30.76 12.19
C GLU B 308 -13.49 -30.21 11.37
N GLN B 309 -13.81 -29.31 10.46
CA GLN B 309 -12.80 -28.57 9.72
C GLN B 309 -13.02 -27.09 9.96
N LEU B 310 -11.91 -26.37 10.01
CA LEU B 310 -11.89 -24.91 9.96
C LEU B 310 -11.93 -24.50 8.49
N ILE B 311 -12.94 -23.74 8.12
CA ILE B 311 -13.19 -23.33 6.75
C ILE B 311 -12.90 -21.85 6.61
N GLY B 312 -12.00 -21.49 5.71
CA GLY B 312 -11.68 -20.09 5.46
C GLY B 312 -11.99 -19.72 4.02
N GLU B 313 -12.42 -18.46 3.82
CA GLU B 313 -12.70 -17.95 2.50
C GLU B 313 -12.25 -16.50 2.44
N ILE B 314 -11.68 -16.10 1.31
CA ILE B 314 -11.32 -14.72 1.03
C ILE B 314 -12.00 -14.33 -0.28
N SER B 315 -12.35 -13.06 -0.39
N SER B 315 -12.46 -13.08 -0.35
CA SER B 315 -12.87 -12.51 -1.63
CA SER B 315 -12.89 -12.48 -1.61
C SER B 315 -12.30 -11.10 -1.80
C SER B 315 -12.21 -11.12 -1.73
N VAL B 316 -11.52 -10.91 -2.85
CA VAL B 316 -10.82 -9.64 -3.07
C VAL B 316 -10.81 -9.29 -4.55
N PRO B 317 -10.89 -8.00 -4.89
CA PRO B 317 -10.69 -7.56 -6.28
C PRO B 317 -9.20 -7.46 -6.55
N LEU B 318 -8.71 -8.23 -7.52
CA LEU B 318 -7.28 -8.29 -7.83
C LEU B 318 -7.09 -8.16 -9.34
N ALA B 319 -7.11 -6.94 -9.82
CA ALA B 319 -6.85 -6.64 -11.22
C ALA B 319 -5.34 -6.53 -11.45
N LEU B 320 -4.68 -7.68 -11.40
CA LEU B 320 -3.22 -7.76 -11.43
C LEU B 320 -2.74 -8.03 -12.84
N ALA B 321 -1.44 -7.88 -13.04
CA ALA B 321 -0.83 -7.96 -14.36
C ALA B 321 0.35 -8.90 -14.39
N THR B 322 0.52 -9.56 -15.54
CA THR B 322 1.75 -10.25 -15.88
C THR B 322 2.51 -9.60 -17.03
N VAL B 323 1.93 -8.58 -17.68
CA VAL B 323 2.60 -7.78 -18.69
C VAL B 323 2.27 -6.32 -18.43
N GLY B 324 3.09 -5.44 -19.00
CA GLY B 324 2.88 -4.01 -18.88
C GLY B 324 3.34 -3.45 -17.55
N GLY B 325 3.18 -2.14 -17.40
CA GLY B 325 3.56 -1.49 -16.16
C GLY B 325 5.03 -1.74 -15.86
N ALA B 326 5.31 -2.17 -14.63
CA ALA B 326 6.66 -2.49 -14.19
C ALA B 326 6.92 -3.98 -14.15
N THR B 327 6.08 -4.79 -14.77
CA THR B 327 6.22 -6.25 -14.69
C THR B 327 7.36 -6.80 -15.53
N LYS B 328 7.79 -6.07 -16.56
CA LYS B 328 8.89 -6.51 -17.42
C LYS B 328 10.09 -5.56 -17.42
N VAL B 329 9.86 -4.25 -17.33
N VAL B 329 9.84 -4.26 -17.35
CA VAL B 329 10.99 -3.32 -17.47
CA VAL B 329 10.92 -3.28 -17.45
C VAL B 329 11.92 -3.33 -16.26
C VAL B 329 11.92 -3.47 -16.31
N LEU B 330 11.42 -3.76 -15.10
CA LEU B 330 12.29 -3.98 -13.95
C LEU B 330 12.79 -5.42 -13.95
N PRO B 331 14.11 -5.65 -14.03
CA PRO B 331 14.60 -7.04 -14.10
C PRO B 331 14.18 -7.90 -12.91
N LYS B 332 14.08 -7.34 -11.71
CA LYS B 332 13.67 -8.15 -10.57
C LYS B 332 12.24 -8.65 -10.72
N SER B 333 11.39 -7.89 -11.41
CA SER B 333 10.02 -8.37 -11.64
C SER B 333 10.04 -9.64 -12.47
N GLN B 334 10.88 -9.66 -13.52
CA GLN B 334 10.98 -10.84 -14.35
C GLN B 334 11.58 -12.01 -13.58
N ALA B 335 12.55 -11.75 -12.70
CA ALA B 335 13.11 -12.82 -11.87
C ALA B 335 12.05 -13.39 -10.95
N ALA B 336 11.29 -12.51 -10.28
CA ALA B 336 10.20 -12.97 -9.42
C ALA B 336 9.19 -13.77 -10.22
N ALA B 337 8.88 -13.34 -11.45
CA ALA B 337 7.89 -14.04 -12.26
C ALA B 337 8.39 -15.42 -12.66
N ASP B 338 9.70 -15.56 -12.90
CA ASP B 338 10.28 -16.87 -13.18
C ASP B 338 10.09 -17.80 -11.99
N LEU B 339 10.41 -17.33 -10.79
CA LEU B 339 10.22 -18.13 -9.59
C LEU B 339 8.78 -18.55 -9.41
N LEU B 340 7.83 -17.60 -9.58
CA LEU B 340 6.43 -17.89 -9.33
C LEU B 340 5.83 -18.80 -10.40
N ALA B 341 6.20 -18.58 -11.66
CA ALA B 341 5.81 -19.45 -12.77
C ALA B 341 4.31 -19.55 -13.00
N VAL B 342 3.59 -18.40 -13.02
CA VAL B 342 2.17 -18.45 -13.38
C VAL B 342 2.01 -18.29 -14.89
N THR B 343 0.91 -18.84 -15.44
CA THR B 343 0.72 -18.81 -16.89
C THR B 343 0.08 -17.50 -17.36
N ASP B 344 -0.72 -16.85 -16.52
CA ASP B 344 -1.48 -15.67 -16.95
C ASP B 344 -1.90 -14.88 -15.72
N ALA B 345 -2.49 -13.72 -15.96
CA ALA B 345 -2.85 -12.82 -14.87
C ALA B 345 -3.99 -13.37 -14.02
N LYS B 346 -4.94 -14.09 -14.62
CA LYS B 346 -5.98 -14.72 -13.81
C LYS B 346 -5.39 -15.65 -12.78
N GLU B 347 -4.40 -16.45 -13.17
CA GLU B 347 -3.74 -17.35 -12.25
C GLU B 347 -2.97 -16.59 -11.17
N LEU B 348 -2.30 -15.50 -11.56
CA LEU B 348 -1.64 -14.66 -10.56
C LEU B 348 -2.61 -14.20 -9.48
N SER B 349 -3.81 -13.75 -9.87
CA SER B 349 -4.78 -13.30 -8.89
C SER B 349 -5.22 -14.43 -7.97
N ARG B 350 -5.41 -15.64 -8.51
CA ARG B 350 -5.78 -16.75 -7.64
C ARG B 350 -4.69 -17.05 -6.61
N VAL B 351 -3.43 -17.04 -7.04
CA VAL B 351 -2.33 -17.28 -6.11
C VAL B 351 -2.27 -16.19 -5.05
N VAL B 352 -2.39 -14.94 -5.47
CA VAL B 352 -2.27 -13.82 -4.54
C VAL B 352 -3.42 -13.83 -3.53
N ALA B 353 -4.63 -14.15 -3.97
CA ALA B 353 -5.72 -14.26 -3.02
C ALA B 353 -5.48 -15.37 -2.01
N ALA B 354 -4.96 -16.52 -2.47
CA ALA B 354 -4.62 -17.61 -1.56
C ALA B 354 -3.56 -17.19 -0.56
N VAL B 355 -2.56 -16.41 -1.00
CA VAL B 355 -1.57 -15.86 -0.09
C VAL B 355 -2.24 -15.05 1.02
N GLY B 356 -3.19 -14.20 0.64
CA GLY B 356 -3.87 -13.39 1.64
C GLY B 356 -4.60 -14.23 2.68
N LEU B 357 -5.25 -15.30 2.24
CA LEU B 357 -5.97 -16.17 3.18
C LEU B 357 -5.00 -16.94 4.07
N ALA B 358 -3.91 -17.44 3.50
CA ALA B 358 -2.91 -18.15 4.29
C ALA B 358 -2.27 -17.24 5.32
N GLN B 359 -1.99 -15.99 4.92
CA GLN B 359 -1.43 -15.02 5.84
C GLN B 359 -2.37 -14.79 7.01
N ASN B 360 -3.64 -14.57 6.72
CA ASN B 360 -4.65 -14.36 7.74
C ASN B 360 -4.76 -15.54 8.69
N LEU B 361 -4.70 -16.76 8.15
CA LEU B 361 -4.75 -17.95 9.00
C LEU B 361 -3.59 -17.95 9.99
N ALA B 362 -2.37 -17.71 9.51
CA ALA B 362 -1.22 -17.72 10.39
C ALA B 362 -1.36 -16.66 11.48
N ALA B 363 -1.85 -15.48 11.11
CA ALA B 363 -2.02 -14.39 12.06
C ALA B 363 -3.07 -14.74 13.13
N LEU B 364 -4.23 -15.22 12.69
CA LEU B 364 -5.30 -15.51 13.64
C LEU B 364 -4.91 -16.65 14.57
N ARG B 365 -4.27 -17.69 14.04
CA ARG B 365 -3.82 -18.79 14.89
C ARG B 365 -2.89 -18.27 15.97
N ALA B 366 -1.90 -17.46 15.60
CA ALA B 366 -0.98 -16.94 16.60
C ALA B 366 -1.69 -16.03 17.59
N LEU B 367 -2.55 -15.14 17.11
CA LEU B 367 -3.25 -14.15 17.97
C LEU B 367 -3.99 -14.88 19.09
N VAL B 368 -4.65 -16.00 18.78
CA VAL B 368 -5.49 -16.66 19.76
C VAL B 368 -4.74 -17.75 20.53
N SER B 369 -3.48 -17.98 20.20
CA SER B 369 -2.67 -19.01 20.84
C SER B 369 -1.59 -18.35 21.68
N GLU B 370 -0.33 -18.44 21.26
CA GLU B 370 0.78 -17.90 22.03
C GLU B 370 0.92 -16.39 21.90
N GLY B 371 0.27 -15.79 20.92
CA GLY B 371 0.35 -14.36 20.69
C GLY B 371 1.38 -14.02 19.63
N ILE B 372 1.15 -12.89 18.95
CA ILE B 372 2.04 -12.49 17.86
C ILE B 372 3.43 -12.14 18.39
N GLN B 373 3.52 -11.51 19.56
CA GLN B 373 4.84 -11.14 20.09
C GLN B 373 5.72 -12.37 20.27
N LYS B 374 5.20 -13.45 20.83
CA LYS B 374 5.98 -14.68 21.07
C LYS B 374 6.39 -15.27 19.72
N GLY B 375 5.48 -15.18 18.72
CA GLY B 375 5.81 -15.70 17.42
C GLY B 375 6.92 -14.91 16.74
N HIS B 376 6.86 -13.59 16.83
CA HIS B 376 7.96 -12.78 16.34
C HIS B 376 9.26 -13.18 17.00
N MET B 377 9.32 -13.17 18.33
N MET B 377 9.31 -13.16 18.33
CA MET B 377 10.60 -13.51 19.02
CA MET B 377 10.60 -13.50 19.02
C MET B 377 11.10 -14.92 18.55
C MET B 377 11.10 -14.91 18.56
N ALA B 378 10.26 -15.99 18.44
CA ALA B 378 10.78 -17.27 18.00
C ALA B 378 11.48 -17.14 16.67
N LEU B 379 10.93 -16.34 15.76
CA LEU B 379 11.56 -16.15 14.46
C LEU B 379 12.83 -15.33 14.58
N GLN B 380 12.83 -14.34 15.47
CA GLN B 380 14.00 -13.51 15.67
C GLN B 380 15.16 -14.33 16.23
N ALA B 381 14.86 -15.30 17.09
CA ALA B 381 15.92 -16.16 17.64
C ALA B 381 16.63 -16.92 16.53
N ARG B 382 15.87 -17.47 15.57
CA ARG B 382 16.51 -18.16 14.45
C ARG B 382 17.25 -17.19 13.55
N SER B 383 16.67 -16.02 13.31
CA SER B 383 17.31 -15.02 12.46
C SER B 383 18.62 -14.56 13.06
N LEU B 384 18.65 -14.30 14.36
CA LEU B 384 19.89 -13.90 15.00
C LEU B 384 20.95 -15.00 14.87
N ALA B 385 20.54 -16.25 15.05
CA ALA B 385 21.47 -17.37 14.92
C ALA B 385 22.13 -17.37 13.55
N MET B 386 21.31 -17.24 12.50
CA MET B 386 21.86 -17.24 11.14
C MET B 386 22.70 -16.01 10.86
N THR B 387 22.30 -14.85 11.39
CA THR B 387 23.05 -13.64 11.12
C THR B 387 24.48 -13.73 11.64
N VAL B 388 24.68 -14.44 12.76
CA VAL B 388 26.02 -14.54 13.34
C VAL B 388 26.78 -15.76 12.82
N GLY B 389 26.17 -16.58 11.98
CA GLY B 389 26.88 -17.63 11.26
C GLY B 389 26.46 -19.06 11.49
N ALA B 390 25.36 -19.29 12.21
CA ALA B 390 24.91 -20.64 12.48
C ALA B 390 24.45 -21.32 11.20
N THR B 391 24.79 -22.61 11.07
CA THR B 391 24.38 -23.41 9.93
C THR B 391 23.88 -24.76 10.42
N GLY B 392 22.98 -25.35 9.64
CA GLY B 392 22.55 -26.71 9.93
C GLY B 392 21.88 -26.81 11.29
N LYS B 393 22.27 -27.83 12.05
CA LYS B 393 21.69 -28.07 13.36
C LYS B 393 21.99 -26.93 14.34
N GLU B 394 22.98 -26.09 14.01
CA GLU B 394 23.32 -24.98 14.90
C GLU B 394 22.21 -23.93 14.96
N VAL B 395 21.44 -23.77 13.89
CA VAL B 395 20.41 -22.74 13.88
C VAL B 395 19.43 -22.96 15.01
N GLU B 396 18.85 -24.16 15.09
CA GLU B 396 17.90 -24.42 16.16
C GLU B 396 18.59 -24.47 17.52
N ALA B 397 19.84 -24.95 17.57
CA ALA B 397 20.53 -25.03 18.85
C ALA B 397 20.75 -23.66 19.45
N VAL B 398 21.23 -22.70 18.64
CA VAL B 398 21.40 -21.34 19.13
C VAL B 398 20.05 -20.72 19.48
N ALA B 399 19.05 -20.89 18.60
CA ALA B 399 17.75 -20.28 18.80
C ALA B 399 17.10 -20.75 20.09
N GLN B 400 17.13 -22.06 20.34
CA GLN B 400 16.52 -22.59 21.55
C GLN B 400 17.20 -22.02 22.79
N GLN B 401 18.52 -21.86 22.75
CA GLN B 401 19.20 -21.28 23.89
C GLN B 401 18.90 -19.80 24.05
N LEU B 402 18.82 -19.06 22.95
CA LEU B 402 18.48 -17.65 23.05
C LEU B 402 17.17 -17.48 23.81
N LYS B 403 16.19 -18.32 23.54
CA LYS B 403 14.84 -18.15 24.12
C LYS B 403 14.80 -18.47 25.61
N ARG B 404 15.87 -19.05 26.17
CA ARG B 404 15.87 -19.34 27.61
C ARG B 404 16.14 -18.12 28.48
N GLN B 405 16.59 -17.00 27.91
CA GLN B 405 16.82 -15.79 28.67
C GLN B 405 16.38 -14.59 27.84
N LYS B 406 16.55 -13.39 28.39
CA LYS B 406 15.81 -12.24 27.87
C LYS B 406 16.52 -11.50 26.74
N THR B 407 17.85 -11.39 26.78
CA THR B 407 18.55 -10.55 25.82
C THR B 407 18.57 -11.21 24.45
N MET B 408 17.99 -10.55 23.46
CA MET B 408 17.94 -11.07 22.09
C MET B 408 18.73 -10.13 21.20
N ASN B 409 20.02 -10.41 21.01
CA ASN B 409 20.82 -9.60 20.11
C ASN B 409 21.94 -10.45 19.54
N GLN B 410 22.72 -9.82 18.65
CA GLN B 410 23.75 -10.54 17.92
C GLN B 410 24.91 -10.92 18.83
N ASP B 411 25.26 -10.04 19.78
CA ASP B 411 26.38 -10.37 20.67
C ASP B 411 26.10 -11.65 21.44
N ARG B 412 24.90 -11.79 22.00
CA ARG B 412 24.59 -13.00 22.75
C ARG B 412 24.50 -14.22 21.82
N ALA B 413 23.90 -14.05 20.64
CA ALA B 413 23.79 -15.18 19.71
C ALA B 413 25.17 -15.69 19.31
N LEU B 414 26.12 -14.79 19.07
CA LEU B 414 27.46 -15.22 18.68
C LEU B 414 28.18 -15.91 19.83
N ALA B 415 28.00 -15.39 21.05
CA ALA B 415 28.58 -16.04 22.22
C ALA B 415 28.08 -17.47 22.36
N ILE B 416 26.79 -17.69 22.15
CA ILE B 416 26.24 -19.04 22.23
C ILE B 416 26.82 -19.91 21.11
N LEU B 417 26.84 -19.38 19.89
CA LEU B 417 27.34 -20.14 18.75
C LEU B 417 28.80 -20.56 18.96
N ASN B 418 29.65 -19.61 19.35
CA ASN B 418 31.05 -19.96 19.57
C ASN B 418 31.21 -20.98 20.69
N ASP B 419 30.38 -20.88 21.73
CA ASP B 419 30.44 -21.84 22.82
C ASP B 419 30.01 -23.23 22.36
N LEU B 420 28.97 -23.31 21.53
CA LEU B 420 28.52 -24.61 21.04
C LEU B 420 29.56 -25.23 20.11
N ARG B 421 30.39 -24.40 19.48
CA ARG B 421 31.42 -24.89 18.58
C ARG B 421 32.70 -25.30 19.32
N LYS B 422 32.82 -24.93 20.59
CA LYS B 422 33.96 -25.34 21.41
C LYS B 422 33.79 -26.80 21.84
#